data_2PVP
#
_entry.id   2PVP
#
_cell.length_a   70.969
_cell.length_b   89.016
_cell.length_c   121.883
_cell.angle_alpha   90.00
_cell.angle_beta   90.00
_cell.angle_gamma   90.00
#
_symmetry.space_group_name_H-M   'P 21 21 21'
#
loop_
_entity.id
_entity.type
_entity.pdbx_description
1 polymer 'D-alanine-D-alanine ligase'
2 water water
#
_entity_poly.entity_id   1
_entity_poly.type   'polypeptide(L)'
_entity_poly.pdbx_seq_one_letter_code
;MGSSHHHHHHSSGLVPRGSHMEFCVLFGGASFEHEISIVSAIALKGVLKDRIKYFIFLDENHHFYLIEESNMHSKYFAQI
KEKKLPPLILTHNGLLKNSFLGAKIIELPLVINLVHGGDGEDGKLASLLEFYRIAFIGPRIEASVLSYNKYLTKLYAKDL
GIKTLDYVLLNEKNRANALDLMNFNFPFIVKPSNAGSSLGVNVVKEEKELIYALDSAFEYSKEVLIEPFIQGVKEYNLAG
CKIKKDFCFSYIEEPNKQEFLDFKQKYLDFSRNKAPKASLSNALEEQLKENFKKLYSDLFDGAIIRCDFFVIENEVYLNE
INPIPGSLANYLFDDFKTTLENLAQSLPKTPKIQIKNSYLLQIQKNK
;
_entity_poly.pdbx_strand_id   A,B
#
# COMPACT_ATOMS: atom_id res chain seq x y z
N HIS A 20 -30.08 -7.72 -5.77
CA HIS A 20 -30.34 -8.15 -4.36
C HIS A 20 -29.09 -8.69 -3.63
N MET A 21 -28.00 -7.90 -3.69
CA MET A 21 -26.73 -8.24 -3.01
C MET A 21 -26.77 -7.96 -1.49
N GLU A 22 -26.03 -8.76 -0.73
CA GLU A 22 -25.86 -8.54 0.71
C GLU A 22 -24.44 -8.09 1.00
N PHE A 23 -24.28 -7.40 2.14
CA PHE A 23 -23.02 -6.78 2.57
C PHE A 23 -22.70 -7.13 4.02
N CYS A 24 -21.43 -7.11 4.38
CA CYS A 24 -21.00 -6.95 5.77
C CYS A 24 -20.48 -5.56 5.91
N VAL A 25 -20.64 -4.99 7.08
CA VAL A 25 -20.07 -3.69 7.37
C VAL A 25 -18.94 -3.92 8.37
N LEU A 26 -17.73 -3.53 7.98
CA LEU A 26 -16.54 -3.69 8.83
C LEU A 26 -16.14 -2.28 9.27
N PHE A 27 -16.03 -2.10 10.58
CA PHE A 27 -15.88 -0.77 11.18
C PHE A 27 -15.09 -0.90 12.47
N GLY A 28 -14.72 0.24 13.07
CA GLY A 28 -13.80 0.23 14.22
C GLY A 28 -12.35 0.51 13.83
N GLY A 29 -11.43 -0.34 14.28
CA GLY A 29 -10.01 -0.27 13.90
C GLY A 29 -9.07 0.40 14.91
N ALA A 30 -7.77 0.19 14.72
CA ALA A 30 -6.73 0.90 15.48
C ALA A 30 -6.39 2.21 14.77
N SER A 31 -7.28 3.17 14.96
CA SER A 31 -7.28 4.39 14.19
C SER A 31 -7.63 5.50 15.15
N PHE A 32 -7.16 6.71 14.84
CA PHE A 32 -7.57 7.93 15.51
C PHE A 32 -9.00 8.27 15.12
N GLU A 33 -9.47 7.64 14.05
CA GLU A 33 -10.84 7.83 13.56
C GLU A 33 -11.77 6.63 13.92
N HIS A 34 -11.43 5.95 15.01
CA HIS A 34 -12.18 4.76 15.44
C HIS A 34 -13.66 5.07 15.71
N GLU A 35 -13.88 6.13 16.49
CA GLU A 35 -15.20 6.58 16.90
C GLU A 35 -16.05 6.98 15.69
N ILE A 36 -15.44 7.70 14.74
CA ILE A 36 -16.11 8.11 13.49
C ILE A 36 -16.54 6.90 12.63
N SER A 37 -15.75 5.84 12.66
CA SER A 37 -16.06 4.61 11.93
C SER A 37 -17.32 3.94 12.47
N ILE A 38 -17.44 3.89 13.80
CA ILE A 38 -18.67 3.44 14.45
C ILE A 38 -19.90 4.25 13.98
N VAL A 39 -19.77 5.58 13.96
CA VAL A 39 -20.80 6.47 13.41
C VAL A 39 -21.11 6.16 11.94
N SER A 40 -20.08 5.93 11.13
CA SER A 40 -20.29 5.52 9.74
C SER A 40 -21.12 4.25 9.55
N ALA A 41 -20.89 3.26 10.42
CA ALA A 41 -21.60 1.97 10.34
C ALA A 41 -23.03 2.08 10.85
N ILE A 42 -23.27 2.95 11.82
CA ILE A 42 -24.63 3.24 12.30
C ILE A 42 -25.46 3.91 11.18
N ALA A 43 -24.84 4.87 10.49
CA ALA A 43 -25.46 5.57 9.37
C ALA A 43 -25.86 4.64 8.23
N LEU A 44 -24.96 3.74 7.87
CA LEU A 44 -25.19 2.82 6.75
C LEU A 44 -26.18 1.69 7.09
N LYS A 45 -26.22 1.29 8.35
CA LYS A 45 -27.30 0.47 8.88
C LYS A 45 -28.65 1.13 8.52
N GLY A 46 -28.76 2.41 8.89
CA GLY A 46 -29.95 3.20 8.59
C GLY A 46 -30.32 3.22 7.13
N VAL A 47 -29.32 3.38 6.29
CA VAL A 47 -29.57 3.51 4.85
C VAL A 47 -29.84 2.19 4.11
N LEU A 48 -28.95 1.27 4.34
CA LEU A 48 -28.99 -0.05 3.71
C LEU A 48 -29.84 -1.13 4.38
N LYS A 49 -30.00 -1.06 5.69
CA LYS A 49 -30.88 -1.98 6.39
C LYS A 49 -30.39 -3.42 6.29
N ASP A 50 -31.28 -4.36 5.94
CA ASP A 50 -30.93 -5.77 6.12
C ASP A 50 -30.55 -6.48 4.85
N ARG A 51 -30.04 -5.70 3.91
CA ARG A 51 -28.92 -6.06 3.03
C ARG A 51 -27.63 -6.32 3.82
N ILE A 52 -27.47 -5.58 4.91
CA ILE A 52 -26.28 -5.74 5.76
C ILE A 52 -26.46 -6.99 6.62
N LYS A 53 -26.04 -8.19 6.15
CA LYS A 53 -26.17 -9.49 6.78
C LYS A 53 -25.34 -9.57 8.05
N TYR A 54 -24.20 -8.90 8.06
CA TYR A 54 -23.29 -8.93 9.22
C TYR A 54 -22.66 -7.60 9.56
N PHE A 55 -22.52 -7.31 10.83
CA PHE A 55 -21.80 -6.11 11.28
C PHE A 55 -20.54 -6.55 12.01
N ILE A 56 -19.38 -6.26 11.44
CA ILE A 56 -18.12 -6.71 12.01
C ILE A 56 -17.35 -5.58 12.69
N PHE A 57 -17.14 -5.74 13.99
CA PHE A 57 -16.39 -4.80 14.79
C PHE A 57 -14.94 -5.25 14.98
N LEU A 58 -14.03 -4.32 14.71
CA LEU A 58 -12.61 -4.53 14.94
C LEU A 58 -12.23 -3.55 16.01
N ASP A 59 -11.74 -4.05 17.12
CA ASP A 59 -11.27 -3.14 18.15
C ASP A 59 -9.77 -2.79 18.00
N GLU A 60 -9.30 -1.91 18.89
CA GLU A 60 -7.91 -1.46 18.89
C GLU A 60 -6.88 -2.58 19.09
N ASN A 61 -7.30 -3.69 19.70
CA ASN A 61 -6.40 -4.80 19.94
C ASN A 61 -6.44 -5.80 18.79
N HIS A 62 -7.24 -5.49 17.76
CA HIS A 62 -7.29 -6.27 16.51
C HIS A 62 -8.03 -7.60 16.62
N HIS A 63 -9.04 -7.62 17.48
CA HIS A 63 -9.98 -8.72 17.50
C HIS A 63 -11.25 -8.39 16.73
N PHE A 64 -11.76 -9.38 16.02
CA PHE A 64 -12.98 -9.26 15.28
C PHE A 64 -14.17 -9.78 16.10
N TYR A 65 -15.22 -8.96 16.18
CA TYR A 65 -16.43 -9.33 16.88
C TYR A 65 -17.64 -9.18 15.98
N LEU A 66 -18.60 -10.08 16.17
CA LEU A 66 -19.86 -9.98 15.45
C LEU A 66 -20.88 -9.30 16.38
N ILE A 67 -21.63 -8.35 15.83
CA ILE A 67 -22.51 -7.50 16.62
C ILE A 67 -23.95 -7.59 16.11
N GLU A 68 -24.90 -7.79 17.02
CA GLU A 68 -26.32 -7.84 16.65
C GLU A 68 -26.71 -6.52 16.02
N GLU A 69 -27.41 -6.59 14.87
CA GLU A 69 -27.91 -5.40 14.21
C GLU A 69 -28.68 -4.50 15.16
N SER A 70 -29.38 -5.11 16.11
CA SER A 70 -30.17 -4.41 17.13
C SER A 70 -29.30 -3.65 18.13
N ASN A 71 -28.02 -4.02 18.20
CA ASN A 71 -27.07 -3.36 19.09
C ASN A 71 -26.24 -2.28 18.42
N MET A 72 -26.53 -2.00 17.15
CA MET A 72 -25.81 -0.95 16.41
C MET A 72 -26.29 0.45 16.75
N HIS A 73 -25.77 0.98 17.87
CA HIS A 73 -26.07 2.37 18.27
C HIS A 73 -25.13 2.87 19.35
N SER A 74 -24.98 4.20 19.39
CA SER A 74 -24.04 4.91 20.27
C SER A 74 -24.05 4.41 21.70
N LYS A 75 -25.24 4.16 22.22
CA LYS A 75 -25.45 3.78 23.62
C LYS A 75 -24.77 2.45 23.94
N TYR A 76 -24.90 1.48 23.03
CA TYR A 76 -24.28 0.15 23.14
C TYR A 76 -22.76 0.20 23.00
N PHE A 77 -22.26 1.07 22.12
CA PHE A 77 -20.81 1.19 21.88
C PHE A 77 -20.10 2.05 22.92
N ALA A 78 -20.86 2.92 23.57
CA ALA A 78 -20.37 3.70 24.71
C ALA A 78 -19.92 2.77 25.85
N GLN A 79 -20.55 1.60 25.95
CA GLN A 79 -20.14 0.62 26.97
C GLN A 79 -19.48 -0.64 26.41
N ILE A 80 -19.17 -0.64 25.11
CA ILE A 80 -18.77 -1.84 24.38
C ILE A 80 -17.64 -2.63 25.06
N LYS A 81 -16.71 -1.90 25.70
CA LYS A 81 -15.49 -2.49 26.27
C LYS A 81 -15.75 -3.38 27.50
N GLU A 82 -17.01 -3.49 27.90
CA GLU A 82 -17.41 -4.28 29.07
C GLU A 82 -18.37 -5.42 28.73
N LYS A 83 -18.93 -5.40 27.52
CA LYS A 83 -19.91 -6.42 27.09
C LYS A 83 -19.25 -7.77 26.87
N LYS A 84 -17.93 -7.83 27.04
CA LYS A 84 -17.15 -9.07 26.93
C LYS A 84 -17.67 -10.00 25.80
N LEU A 85 -17.45 -9.61 24.55
CA LEU A 85 -17.93 -10.39 23.41
C LEU A 85 -16.91 -11.43 22.93
N PRO A 86 -17.35 -12.45 22.18
CA PRO A 86 -16.43 -13.52 21.75
C PRO A 86 -15.65 -13.22 20.46
N PRO A 87 -14.31 -13.01 20.56
CA PRO A 87 -13.48 -12.66 19.43
C PRO A 87 -13.51 -13.73 18.34
N LEU A 88 -13.71 -13.31 17.10
CA LEU A 88 -13.58 -14.19 15.98
C LEU A 88 -12.21 -13.99 15.31
N ILE A 89 -11.77 -15.01 14.58
CA ILE A 89 -10.52 -14.99 13.87
C ILE A 89 -10.76 -15.00 12.36
N LEU A 90 -10.17 -14.04 11.67
CA LEU A 90 -10.23 -13.96 10.22
C LEU A 90 -9.42 -15.08 9.56
N THR A 91 -10.04 -15.71 8.57
CA THR A 91 -9.37 -16.72 7.78
C THR A 91 -9.89 -16.71 6.34
N HIS A 92 -9.44 -17.59 5.49
CA HIS A 92 -9.97 -17.76 4.15
C HIS A 92 -11.48 -17.81 4.12
N ASN A 93 -12.06 -16.96 3.36
CA ASN A 93 -13.48 -16.78 3.09
C ASN A 93 -14.35 -16.22 4.17
N GLY A 94 -13.82 -15.88 5.38
CA GLY A 94 -14.59 -15.28 6.44
C GLY A 94 -13.99 -15.42 7.82
N LEU A 95 -14.84 -15.67 8.80
CA LEU A 95 -14.46 -15.69 10.22
C LEU A 95 -14.61 -17.08 10.86
N LEU A 96 -13.61 -17.43 11.67
CA LEU A 96 -13.48 -18.76 12.28
C LEU A 96 -14.15 -18.71 13.66
N LYS A 97 -15.19 -19.53 13.80
CA LYS A 97 -15.80 -19.79 15.11
C LYS A 97 -15.56 -21.27 15.49
N ASN A 98 -15.52 -21.55 16.78
CA ASN A 98 -15.32 -22.92 17.23
C ASN A 98 -16.62 -23.58 17.69
N SER A 99 -16.71 -24.90 17.46
CA SER A 99 -17.82 -25.73 17.94
C SER A 99 -17.26 -27.02 18.55
N PHE A 100 -18.14 -27.97 18.86
CA PHE A 100 -17.75 -29.30 19.32
C PHE A 100 -17.12 -30.11 18.17
N LEU A 101 -17.43 -29.67 16.95
CA LEU A 101 -16.93 -30.28 15.73
C LEU A 101 -15.64 -29.58 15.29
N GLY A 102 -15.16 -28.65 16.11
CA GLY A 102 -13.98 -27.82 15.78
C GLY A 102 -14.32 -26.60 14.95
N ALA A 103 -13.35 -26.14 14.16
CA ALA A 103 -13.46 -24.94 13.33
C ALA A 103 -14.72 -24.87 12.45
N LYS A 104 -15.52 -23.84 12.68
CA LYS A 104 -16.70 -23.56 11.85
C LYS A 104 -16.52 -22.18 11.20
N ILE A 105 -16.62 -22.15 9.87
CA ILE A 105 -16.44 -20.94 9.08
C ILE A 105 -17.74 -20.16 8.83
N ILE A 106 -17.73 -18.87 9.18
CA ILE A 106 -18.81 -17.98 8.83
C ILE A 106 -18.39 -17.28 7.55
N GLU A 107 -18.96 -17.70 6.42
CA GLU A 107 -18.67 -17.10 5.14
C GLU A 107 -19.28 -15.70 5.02
N LEU A 108 -18.49 -14.73 4.57
CA LEU A 108 -18.90 -13.33 4.52
C LEU A 108 -19.39 -12.91 3.15
N PRO A 109 -20.53 -12.19 3.10
CA PRO A 109 -20.84 -11.60 1.80
C PRO A 109 -19.94 -10.37 1.60
N LEU A 110 -19.87 -9.84 0.39
CA LEU A 110 -19.14 -8.61 0.10
C LEU A 110 -19.00 -7.71 1.33
N VAL A 111 -17.76 -7.46 1.77
CA VAL A 111 -17.56 -6.55 2.92
C VAL A 111 -17.36 -5.10 2.49
N ILE A 112 -18.04 -4.21 3.19
CA ILE A 112 -17.84 -2.78 3.04
C ILE A 112 -16.84 -2.36 4.11
N ASN A 113 -15.65 -1.95 3.66
CA ASN A 113 -14.60 -1.44 4.54
C ASN A 113 -14.95 -0.01 4.91
N LEU A 114 -15.29 0.18 6.19
CA LEU A 114 -15.62 1.48 6.74
C LEU A 114 -14.68 1.89 7.87
N VAL A 115 -13.52 1.26 7.92
CA VAL A 115 -12.51 1.60 8.91
C VAL A 115 -11.73 2.78 8.34
N HIS A 116 -12.00 3.96 8.85
CA HIS A 116 -11.29 5.14 8.39
C HIS A 116 -9.87 5.17 8.92
N GLY A 117 -8.94 5.72 8.16
CA GLY A 117 -7.62 5.98 8.69
C GLY A 117 -6.83 4.73 8.96
N GLY A 118 -6.27 4.63 10.15
CA GLY A 118 -5.48 3.47 10.50
C GLY A 118 -6.20 2.15 10.35
N ASP A 119 -5.55 1.22 9.68
CA ASP A 119 -6.15 -0.08 9.38
C ASP A 119 -7.21 -0.32 8.32
N GLY A 120 -7.94 0.71 7.93
CA GLY A 120 -8.80 0.67 6.73
C GLY A 120 -8.22 1.34 5.50
N GLU A 121 -7.56 2.48 5.71
CA GLU A 121 -7.03 3.29 4.63
C GLU A 121 -5.50 3.23 4.45
N ASP A 122 -4.80 2.50 5.31
CA ASP A 122 -3.34 2.37 5.21
C ASP A 122 -2.83 1.16 4.45
N GLY A 123 -3.72 0.31 3.97
CA GLY A 123 -3.33 -0.86 3.19
C GLY A 123 -3.47 -2.19 3.94
N LYS A 124 -3.58 -2.12 5.27
CA LYS A 124 -3.60 -3.32 6.10
C LYS A 124 -4.85 -4.21 5.92
N LEU A 125 -6.04 -3.66 6.15
CA LEU A 125 -7.26 -4.42 5.90
C LEU A 125 -7.47 -4.76 4.43
N ALA A 126 -7.05 -3.88 3.52
CA ALA A 126 -7.06 -4.25 2.09
C ALA A 126 -6.26 -5.52 1.81
N SER A 127 -5.10 -5.65 2.45
CA SER A 127 -4.22 -6.82 2.24
C SER A 127 -4.80 -8.09 2.86
N LEU A 128 -5.33 -7.97 4.09
CA LEU A 128 -5.97 -9.06 4.78
C LEU A 128 -7.17 -9.65 4.03
N LEU A 129 -8.00 -8.79 3.46
CA LEU A 129 -9.18 -9.24 2.77
C LEU A 129 -8.80 -9.83 1.44
N GLU A 130 -7.85 -9.20 0.75
CA GLU A 130 -7.28 -9.81 -0.46
C GLU A 130 -6.59 -11.15 -0.15
N PHE A 131 -5.74 -11.17 0.88
CA PHE A 131 -5.04 -12.40 1.32
C PHE A 131 -6.03 -13.56 1.55
N TYR A 132 -7.12 -13.25 2.24
CA TYR A 132 -8.13 -14.25 2.59
C TYR A 132 -9.23 -14.46 1.56
N ARG A 133 -9.01 -13.95 0.35
CA ARG A 133 -9.98 -14.05 -0.74
C ARG A 133 -11.39 -13.60 -0.28
N ILE A 134 -11.44 -12.48 0.44
CA ILE A 134 -12.70 -11.92 0.93
C ILE A 134 -13.03 -10.70 0.06
N ALA A 135 -14.10 -10.81 -0.72
CA ALA A 135 -14.51 -9.72 -1.63
C ALA A 135 -14.87 -8.47 -0.82
N PHE A 136 -14.45 -7.28 -1.29
CA PHE A 136 -14.77 -6.03 -0.60
C PHE A 136 -14.90 -4.81 -1.50
N ILE A 137 -15.52 -3.77 -0.94
CA ILE A 137 -15.66 -2.46 -1.54
C ILE A 137 -14.80 -1.56 -0.68
N GLY A 138 -13.90 -0.80 -1.32
CA GLY A 138 -12.84 -0.07 -0.66
C GLY A 138 -11.54 -0.03 -1.48
N PRO A 139 -10.56 0.76 -1.03
CA PRO A 139 -9.28 0.86 -1.73
C PRO A 139 -8.42 -0.41 -1.61
N ARG A 140 -7.78 -0.82 -2.71
CA ARG A 140 -6.81 -1.90 -2.57
C ARG A 140 -5.50 -1.32 -2.02
N ILE A 141 -4.41 -2.05 -2.17
CA ILE A 141 -3.18 -1.79 -1.43
C ILE A 141 -2.51 -0.48 -1.90
N GLU A 142 -2.25 -0.37 -3.21
CA GLU A 142 -1.57 0.83 -3.76
C GLU A 142 -2.38 2.10 -3.51
N ALA A 143 -3.66 2.07 -3.90
CA ALA A 143 -4.62 3.15 -3.63
C ALA A 143 -4.65 3.61 -2.19
N SER A 144 -4.74 2.66 -1.26
CA SER A 144 -4.62 2.96 0.16
C SER A 144 -3.33 3.72 0.48
N VAL A 145 -2.19 3.10 0.13
CA VAL A 145 -0.86 3.65 0.43
C VAL A 145 -0.64 5.05 -0.15
N LEU A 146 -1.01 5.22 -1.42
CA LEU A 146 -0.82 6.46 -2.16
C LEU A 146 -1.74 7.58 -1.70
N SER A 147 -2.90 7.24 -1.14
CA SER A 147 -3.85 8.25 -0.64
C SER A 147 -3.72 8.48 0.85
N TYR A 148 -3.17 7.52 1.58
CA TYR A 148 -2.91 7.65 3.04
C TYR A 148 -1.75 8.59 3.39
N ASN A 149 -0.69 8.55 2.59
CA ASN A 149 0.46 9.38 2.84
C ASN A 149 0.39 10.59 1.92
N LYS A 150 0.20 11.77 2.53
CA LYS A 150 -0.08 13.03 1.81
C LYS A 150 1.07 13.51 0.96
N TYR A 151 2.29 13.09 1.33
CA TYR A 151 3.47 13.26 0.50
C TYR A 151 3.43 12.38 -0.76
N LEU A 152 3.08 11.10 -0.61
CA LEU A 152 2.83 10.19 -1.75
C LEU A 152 1.72 10.66 -2.72
N THR A 153 0.57 11.11 -2.19
CA THR A 153 -0.48 11.80 -2.98
C THR A 153 0.06 12.99 -3.78
N LYS A 154 0.85 13.85 -3.14
CA LYS A 154 1.58 14.95 -3.83
C LYS A 154 2.40 14.47 -4.99
N LEU A 155 3.11 13.35 -4.85
CA LEU A 155 3.90 12.78 -5.95
C LEU A 155 3.03 12.18 -7.05
N TYR A 156 1.99 11.47 -6.64
CA TYR A 156 1.01 10.92 -7.57
C TYR A 156 0.25 12.04 -8.38
N ALA A 157 -0.30 13.03 -7.67
CA ALA A 157 -0.98 14.15 -8.35
C ALA A 157 -0.08 14.84 -9.39
N LYS A 158 1.14 15.21 -8.97
CA LYS A 158 2.15 15.80 -9.85
C LYS A 158 2.35 15.02 -11.16
N ASP A 159 2.58 13.71 -11.07
CA ASP A 159 2.86 12.93 -12.29
C ASP A 159 1.67 12.93 -13.27
N LEU A 160 0.46 13.08 -12.71
CA LEU A 160 -0.79 13.14 -13.46
C LEU A 160 -1.13 14.54 -14.05
N GLY A 161 -0.37 15.56 -13.64
CA GLY A 161 -0.57 16.93 -14.12
C GLY A 161 -1.62 17.67 -13.33
N ILE A 162 -1.79 17.32 -12.06
CA ILE A 162 -2.84 17.87 -11.19
C ILE A 162 -2.18 18.76 -10.17
N LYS A 163 -2.75 19.95 -9.96
CA LYS A 163 -2.12 20.99 -9.17
C LYS A 163 -2.30 20.71 -7.69
N THR A 164 -1.27 20.99 -6.92
CA THR A 164 -1.28 20.84 -5.47
C THR A 164 -0.47 22.03 -4.94
N LEU A 165 -0.68 22.39 -3.68
CA LEU A 165 0.16 23.40 -3.06
C LEU A 165 1.56 22.84 -2.81
N ASP A 166 2.58 23.69 -2.92
CA ASP A 166 3.95 23.29 -2.55
C ASP A 166 4.02 23.06 -1.05
N TYR A 167 5.02 22.32 -0.62
CA TYR A 167 5.09 21.86 0.76
C TYR A 167 6.53 21.64 1.18
N VAL A 168 6.70 21.41 2.49
CA VAL A 168 7.91 20.89 3.06
C VAL A 168 7.51 19.72 3.99
N LEU A 169 8.23 18.61 3.88
CA LEU A 169 7.98 17.39 4.63
C LEU A 169 8.98 17.35 5.78
N LEU A 170 8.49 17.20 7.02
CA LEU A 170 9.38 17.18 8.18
C LEU A 170 9.44 15.85 8.93
N ASN A 171 10.65 15.49 9.37
CA ASN A 171 10.92 14.32 10.21
C ASN A 171 11.09 14.81 11.65
N GLU A 172 11.27 13.87 12.57
CA GLU A 172 11.65 14.23 13.95
C GLU A 172 13.11 14.71 14.00
N LYS A 173 13.95 14.12 13.15
CA LYS A 173 15.39 14.40 13.20
C LYS A 173 15.78 15.64 12.36
N ASN A 174 14.87 16.61 12.29
CA ASN A 174 14.86 17.57 11.19
C ASN A 174 13.87 18.71 11.50
N ARG A 175 12.97 18.46 12.44
CA ARG A 175 11.91 19.40 12.76
C ARG A 175 12.42 20.69 13.39
N ALA A 176 13.57 20.60 14.05
CA ALA A 176 14.23 21.77 14.64
C ALA A 176 14.80 22.72 13.57
N ASN A 177 14.93 22.22 12.34
CA ASN A 177 15.36 23.02 11.19
C ASN A 177 14.19 23.55 10.33
N ALA A 178 12.97 23.54 10.88
CA ALA A 178 11.75 23.81 10.09
C ALA A 178 11.78 25.13 9.32
N LEU A 179 11.89 26.25 10.04
CA LEU A 179 11.98 27.56 9.41
C LEU A 179 13.10 27.65 8.37
N ASP A 180 14.26 27.09 8.69
CA ASP A 180 15.40 27.02 7.74
C ASP A 180 15.03 26.45 6.37
N LEU A 181 14.23 25.40 6.34
CA LEU A 181 13.89 24.69 5.09
C LEU A 181 12.70 25.26 4.33
N MET A 182 11.90 26.09 5.01
CA MET A 182 10.73 26.71 4.40
C MET A 182 11.12 27.58 3.21
N ASN A 183 10.46 27.33 2.08
CA ASN A 183 10.69 28.05 0.84
C ASN A 183 9.47 28.93 0.47
N PHE A 184 8.59 29.19 1.44
CA PHE A 184 7.51 30.15 1.27
C PHE A 184 7.25 30.81 2.58
N ASN A 185 6.41 31.84 2.55
CA ASN A 185 6.10 32.67 3.69
C ASN A 185 5.01 32.14 4.60
N PHE A 186 5.08 32.58 5.85
CA PHE A 186 3.88 32.67 6.67
C PHE A 186 2.78 33.37 5.89
N PRO A 187 1.51 32.96 6.10
CA PRO A 187 1.10 31.95 7.08
C PRO A 187 1.18 30.52 6.57
N PHE A 188 1.27 29.58 7.50
CA PHE A 188 1.35 28.15 7.16
C PHE A 188 0.13 27.39 7.66
N ILE A 189 -0.15 26.28 6.99
CA ILE A 189 -0.98 25.28 7.59
C ILE A 189 -0.12 24.04 7.81
N VAL A 190 -0.21 23.49 9.00
CA VAL A 190 0.61 22.38 9.47
C VAL A 190 -0.27 21.15 9.70
N LYS A 191 0.15 20.01 9.15
CA LYS A 191 -0.67 18.80 9.21
C LYS A 191 0.16 17.52 9.16
N PRO A 192 -0.32 16.47 9.86
CA PRO A 192 0.40 15.18 9.79
C PRO A 192 0.42 14.66 8.34
N SER A 193 1.41 13.86 8.01
CA SER A 193 1.50 13.24 6.69
C SER A 193 0.33 12.32 6.35
N ASN A 194 -0.44 11.92 7.36
CA ASN A 194 -1.34 10.78 7.21
C ASN A 194 -2.57 10.68 8.14
N ALA A 195 -2.95 11.76 8.83
CA ALA A 195 -3.94 11.63 9.94
C ALA A 195 -5.43 11.67 9.60
N GLY A 196 -5.80 12.39 8.54
CA GLY A 196 -7.20 12.58 8.16
C GLY A 196 -8.10 13.20 9.24
N SER A 197 -9.29 13.63 8.83
CA SER A 197 -10.32 14.12 9.74
C SER A 197 -9.87 15.36 10.53
N SER A 198 -9.21 16.28 9.82
CA SER A 198 -8.68 17.54 10.40
C SER A 198 -7.94 17.38 11.72
N LEU A 199 -7.43 16.19 11.98
CA LEU A 199 -6.70 15.91 13.22
C LEU A 199 -5.29 16.45 13.14
N GLY A 200 -4.91 17.23 14.14
CA GLY A 200 -3.56 17.77 14.28
C GLY A 200 -3.26 18.90 13.30
N VAL A 201 -4.32 19.43 12.70
CA VAL A 201 -4.20 20.53 11.76
C VAL A 201 -4.21 21.88 12.49
N ASN A 202 -3.19 22.68 12.25
CA ASN A 202 -3.14 24.01 12.82
C ASN A 202 -2.70 25.05 11.81
N VAL A 203 -3.40 26.18 11.79
CA VAL A 203 -2.97 27.34 11.01
C VAL A 203 -1.94 28.13 11.81
N VAL A 204 -0.79 28.39 11.18
CA VAL A 204 0.31 29.13 11.80
C VAL A 204 0.50 30.51 11.16
N LYS A 205 0.39 31.58 11.96
CA LYS A 205 0.55 32.94 11.45
C LYS A 205 1.99 33.44 11.61
N GLU A 206 2.67 32.93 12.62
CA GLU A 206 4.00 33.41 12.96
C GLU A 206 4.71 32.49 13.95
N GLU A 207 6.03 32.45 13.83
CA GLU A 207 6.82 31.33 14.26
C GLU A 207 6.76 31.11 15.75
N LYS A 208 5.98 31.94 16.43
CA LYS A 208 5.69 31.70 17.84
C LYS A 208 4.78 30.49 17.95
N GLU A 209 3.82 30.41 17.02
CA GLU A 209 2.81 29.37 17.04
C GLU A 209 3.31 28.09 16.39
N LEU A 210 4.45 28.16 15.73
CA LEU A 210 4.98 27.02 14.97
C LEU A 210 5.38 25.79 15.81
N ILE A 211 5.95 26.03 16.99
CA ILE A 211 6.37 24.96 17.89
C ILE A 211 5.16 24.17 18.43
N TYR A 212 4.04 24.87 18.61
CA TYR A 212 2.79 24.26 19.08
C TYR A 212 2.15 23.40 18.01
N ALA A 213 2.05 23.95 16.80
CA ALA A 213 1.48 23.28 15.65
C ALA A 213 2.23 22.00 15.28
N LEU A 214 3.56 22.06 15.36
CA LEU A 214 4.44 20.92 15.09
C LEU A 214 4.32 19.80 16.11
N ASP A 215 4.46 20.12 17.39
CA ASP A 215 4.57 19.08 18.39
C ASP A 215 3.20 18.43 18.62
N SER A 216 2.17 19.14 18.16
CA SER A 216 0.79 18.69 18.21
C SER A 216 0.37 17.79 17.03
N ALA A 217 1.00 18.00 15.86
CA ALA A 217 0.79 17.14 14.68
C ALA A 217 1.71 15.91 14.66
N PHE A 218 2.87 16.02 15.31
CA PHE A 218 3.78 14.89 15.47
C PHE A 218 3.22 13.89 16.49
N GLU A 219 2.08 14.27 17.08
CA GLU A 219 1.30 13.43 17.97
C GLU A 219 0.58 12.35 17.15
N TYR A 220 0.35 12.63 15.86
CA TYR A 220 -0.42 11.78 14.95
C TYR A 220 0.40 11.06 13.87
N SER A 221 1.64 11.50 13.67
CA SER A 221 2.49 10.95 12.61
C SER A 221 3.98 11.20 12.85
N LYS A 222 4.80 10.30 12.32
CA LYS A 222 6.26 10.49 12.24
C LYS A 222 6.64 11.59 11.28
N GLU A 223 5.68 12.04 10.47
CA GLU A 223 5.93 13.07 9.48
C GLU A 223 4.85 14.12 9.46
N VAL A 224 5.30 15.35 9.28
CA VAL A 224 4.43 16.50 9.22
C VAL A 224 4.62 17.18 7.86
N LEU A 225 3.53 17.76 7.35
CA LEU A 225 3.57 18.46 6.09
C LEU A 225 3.26 19.92 6.41
N ILE A 226 3.99 20.84 5.78
CA ILE A 226 3.73 22.25 5.93
C ILE A 226 3.42 22.79 4.57
N GLU A 227 2.34 23.58 4.50
CA GLU A 227 1.84 24.16 3.27
C GLU A 227 1.51 25.63 3.48
N PRO A 228 1.46 26.40 2.37
CA PRO A 228 0.98 27.77 2.49
C PRO A 228 -0.50 27.81 2.84
N PHE A 229 -0.87 28.63 3.83
CA PHE A 229 -2.27 28.94 4.11
C PHE A 229 -2.72 30.07 3.21
N ILE A 230 -3.75 29.84 2.40
CA ILE A 230 -4.26 30.83 1.45
C ILE A 230 -5.72 31.21 1.79
N GLN A 231 -5.98 32.50 1.97
CA GLN A 231 -7.31 32.99 2.34
C GLN A 231 -8.25 33.15 1.15
N GLY A 232 -9.53 32.85 1.40
CA GLY A 232 -10.60 32.95 0.40
C GLY A 232 -10.63 31.87 -0.66
N VAL A 233 -10.14 30.67 -0.29
CA VAL A 233 -10.14 29.55 -1.23
C VAL A 233 -11.49 28.82 -1.22
N LYS A 234 -12.04 28.57 -2.41
CA LYS A 234 -13.28 27.81 -2.51
C LYS A 234 -12.95 26.34 -2.27
N GLU A 235 -13.71 25.69 -1.40
CA GLU A 235 -13.58 24.25 -1.17
C GLU A 235 -14.71 23.48 -1.84
N TYR A 236 -14.36 22.52 -2.69
CA TYR A 236 -15.36 21.60 -3.24
C TYR A 236 -14.89 20.17 -3.14
N ASN A 237 -15.74 19.31 -2.55
CA ASN A 237 -15.50 17.86 -2.52
C ASN A 237 -16.39 17.12 -3.53
N LEU A 238 -15.86 16.10 -4.18
CA LEU A 238 -16.63 15.31 -5.14
C LEU A 238 -16.43 13.86 -4.81
N ALA A 239 -17.52 13.15 -4.50
CA ALA A 239 -17.45 11.69 -4.32
C ALA A 239 -17.82 10.99 -5.61
N GLY A 240 -17.54 9.70 -5.69
CA GLY A 240 -17.78 8.93 -6.90
C GLY A 240 -17.15 7.55 -6.88
N CYS A 241 -17.49 6.73 -7.87
CA CYS A 241 -16.88 5.43 -8.12
C CYS A 241 -17.00 5.08 -9.61
N LYS A 242 -16.19 4.13 -10.04
CA LYS A 242 -16.30 3.59 -11.38
C LYS A 242 -17.16 2.35 -11.39
N ILE A 243 -18.16 2.34 -12.26
CA ILE A 243 -18.95 1.16 -12.49
C ILE A 243 -18.90 0.73 -13.94
N LYS A 244 -18.20 -0.35 -14.19
CA LYS A 244 -17.79 -0.69 -15.54
C LYS A 244 -16.89 0.39 -16.11
N LYS A 245 -17.31 0.92 -17.25
CA LYS A 245 -16.57 1.99 -17.93
C LYS A 245 -17.17 3.39 -17.72
N ASP A 246 -18.02 3.50 -16.73
CA ASP A 246 -18.60 4.78 -16.38
C ASP A 246 -18.48 5.16 -14.90
N PHE A 247 -18.26 6.61 -14.72
CA PHE A 247 -18.23 7.13 -13.38
C PHE A 247 -19.63 7.50 -12.92
N CYS A 248 -19.88 7.23 -11.65
CA CYS A 248 -21.13 7.57 -11.03
C CYS A 248 -20.76 8.57 -9.97
N PHE A 249 -21.15 9.82 -10.21
CA PHE A 249 -20.76 10.95 -9.38
C PHE A 249 -21.82 11.28 -8.35
N SER A 250 -21.36 11.92 -7.27
CA SER A 250 -22.18 12.42 -6.22
C SER A 250 -22.44 13.91 -6.49
N TYR A 251 -23.25 14.54 -5.66
CA TYR A 251 -23.32 16.00 -5.64
C TYR A 251 -21.98 16.60 -5.16
N ILE A 252 -21.72 17.84 -5.57
CA ILE A 252 -20.55 18.57 -5.11
C ILE A 252 -20.80 19.15 -3.72
N GLU A 253 -19.97 18.76 -2.77
CA GLU A 253 -20.11 19.21 -1.40
C GLU A 253 -19.24 20.43 -1.16
N GLU A 254 -19.77 21.36 -0.38
CA GLU A 254 -19.05 22.54 0.04
C GLU A 254 -18.94 22.52 1.55
N PRO A 255 -17.85 21.92 2.03
CA PRO A 255 -17.83 21.33 3.37
C PRO A 255 -18.16 22.37 4.43
N ASN A 256 -17.99 23.64 4.11
CA ASN A 256 -17.92 24.67 5.13
C ASN A 256 -19.17 25.53 5.14
N LYS A 257 -19.97 25.39 4.10
CA LYS A 257 -21.33 25.87 4.13
C LYS A 257 -22.28 24.71 4.36
N GLN A 258 -21.83 23.51 4.02
CA GLN A 258 -22.68 22.34 4.13
C GLN A 258 -23.82 22.32 3.12
N GLU A 259 -23.66 23.03 2.02
CA GLU A 259 -24.61 22.93 0.90
C GLU A 259 -24.12 21.95 -0.15
N PHE A 260 -25.06 21.46 -0.95
CA PHE A 260 -24.77 20.47 -1.96
C PHE A 260 -25.18 20.98 -3.33
N LEU A 261 -24.24 20.94 -4.27
CA LEU A 261 -24.48 21.45 -5.60
C LEU A 261 -24.35 20.28 -6.57
N ASP A 262 -25.23 20.21 -7.54
CA ASP A 262 -25.21 19.09 -8.45
C ASP A 262 -24.90 19.55 -9.85
N PHE A 263 -24.69 18.58 -10.72
CA PHE A 263 -24.18 18.86 -12.03
C PHE A 263 -25.32 19.24 -12.95
N LYS A 264 -24.98 20.05 -13.93
CA LYS A 264 -25.91 20.38 -15.00
C LYS A 264 -26.03 19.22 -16.00
N GLN A 265 -27.24 19.04 -16.54
CA GLN A 265 -27.46 18.10 -17.64
C GLN A 265 -27.63 18.88 -18.94
N LYS A 266 -26.90 18.50 -19.98
CA LYS A 266 -27.12 19.04 -21.33
C LYS A 266 -28.24 18.25 -22.03
N TYR A 267 -28.48 17.04 -21.54
CA TYR A 267 -29.53 16.13 -22.02
C TYR A 267 -30.80 16.20 -21.16
N LEU A 268 -31.39 17.39 -21.09
CA LEU A 268 -32.58 17.70 -20.27
C LEU A 268 -33.86 17.04 -20.80
N ASP A 269 -34.61 16.42 -19.89
CA ASP A 269 -35.90 15.81 -20.24
C ASP A 269 -37.05 16.30 -19.34
N PHE A 270 -37.03 17.60 -19.02
CA PHE A 270 -38.06 18.26 -18.22
C PHE A 270 -38.10 19.75 -18.55
N SER A 271 -39.27 20.37 -18.44
CA SER A 271 -39.35 21.83 -18.58
C SER A 271 -39.20 22.49 -17.21
N ARG A 272 -38.22 23.39 -17.11
CA ARG A 272 -37.97 24.15 -15.89
C ARG A 272 -39.15 25.09 -15.60
N ASN A 273 -39.78 24.92 -14.44
CA ASN A 273 -40.92 25.77 -14.04
C ASN A 273 -40.70 26.57 -12.73
N LYS A 274 -39.47 26.52 -12.22
CA LYS A 274 -39.07 27.29 -11.03
C LYS A 274 -37.73 27.98 -11.26
N ALA A 275 -37.41 28.97 -10.44
CA ALA A 275 -36.07 29.57 -10.47
C ALA A 275 -35.04 28.47 -10.21
N PRO A 276 -34.05 28.32 -11.13
CA PRO A 276 -33.09 27.21 -11.05
C PRO A 276 -32.21 27.24 -9.79
N LYS A 277 -31.44 26.19 -9.59
CA LYS A 277 -30.83 25.80 -8.30
C LYS A 277 -29.30 26.01 -8.38
N ALA A 278 -28.60 26.13 -7.37
CA ALA A 278 -27.31 26.78 -7.10
C ALA A 278 -26.15 25.87 -7.50
N SER A 279 -25.49 26.24 -8.59
CA SER A 279 -24.56 25.37 -9.25
C SER A 279 -23.31 26.18 -9.53
N LEU A 280 -22.18 25.52 -9.73
CA LEU A 280 -21.01 26.21 -10.30
C LEU A 280 -20.97 26.10 -11.82
N SER A 281 -20.05 26.91 -12.49
CA SER A 281 -19.91 27.04 -13.92
C SER A 281 -19.67 25.70 -14.59
N ASN A 282 -20.10 25.59 -15.85
CA ASN A 282 -19.86 24.39 -16.64
C ASN A 282 -18.39 24.02 -16.72
N ALA A 283 -17.53 25.02 -16.85
CA ALA A 283 -16.09 24.86 -16.92
C ALA A 283 -15.57 24.20 -15.66
N LEU A 284 -15.96 24.75 -14.52
CA LEU A 284 -15.49 24.30 -13.21
C LEU A 284 -15.97 22.89 -12.82
N GLU A 285 -17.25 22.60 -13.09
CA GLU A 285 -17.81 21.26 -12.91
C GLU A 285 -17.07 20.21 -13.73
N GLU A 286 -16.71 20.59 -14.96
CA GLU A 286 -15.95 19.74 -15.86
C GLU A 286 -14.53 19.45 -15.35
N GLN A 287 -13.87 20.47 -14.80
CA GLN A 287 -12.51 20.33 -14.26
C GLN A 287 -12.50 19.42 -13.04
N LEU A 288 -13.43 19.66 -12.12
CA LEU A 288 -13.63 18.83 -10.95
C LEU A 288 -13.78 17.36 -11.30
N LYS A 289 -14.56 17.08 -12.35
CA LYS A 289 -14.79 15.72 -12.81
C LYS A 289 -13.56 15.12 -13.48
N GLU A 290 -12.86 15.94 -14.26
CA GLU A 290 -11.66 15.51 -14.95
C GLU A 290 -10.55 15.18 -13.96
N ASN A 291 -10.31 16.07 -13.00
CA ASN A 291 -9.33 15.80 -11.95
C ASN A 291 -9.68 14.49 -11.24
N PHE A 292 -10.96 14.35 -10.87
CA PHE A 292 -11.45 13.14 -10.21
C PHE A 292 -11.12 11.90 -11.02
N LYS A 293 -11.59 11.83 -12.27
CA LYS A 293 -11.37 10.65 -13.14
C LYS A 293 -9.90 10.29 -13.26
N LYS A 294 -9.04 11.28 -13.51
CA LYS A 294 -7.62 10.95 -13.70
C LYS A 294 -6.93 10.49 -12.41
N LEU A 295 -7.35 11.05 -11.29
CA LEU A 295 -7.00 10.60 -9.94
C LEU A 295 -7.46 9.19 -9.63
N TYR A 296 -8.75 8.87 -10.11
CA TYR A 296 -9.24 7.58 -9.63
C TYR A 296 -8.94 6.47 -10.63
N SER A 297 -8.20 6.99 -11.69
CA SER A 297 -7.72 6.11 -12.76
C SER A 297 -8.03 4.62 -12.93
N ASP A 298 -7.14 3.78 -12.51
CA ASP A 298 -7.36 2.34 -12.25
C ASP A 298 -6.98 1.88 -10.85
N LEU A 299 -6.41 2.77 -10.09
CA LEU A 299 -5.96 2.56 -8.73
C LEU A 299 -7.04 2.59 -7.67
N PHE A 300 -8.12 3.24 -7.84
CA PHE A 300 -9.30 3.10 -6.96
C PHE A 300 -10.50 2.25 -7.33
N ASP A 301 -10.38 1.54 -8.36
CA ASP A 301 -11.40 0.55 -8.73
C ASP A 301 -11.87 -0.17 -7.48
N GLY A 302 -13.19 -0.28 -7.33
CA GLY A 302 -13.82 -0.97 -6.21
C GLY A 302 -14.03 -0.10 -5.00
N ALA A 303 -13.63 1.16 -5.06
CA ALA A 303 -13.77 2.09 -3.93
C ALA A 303 -14.72 3.22 -4.28
N ILE A 304 -15.39 3.76 -3.26
CA ILE A 304 -16.16 4.98 -3.37
C ILE A 304 -15.34 6.05 -2.66
N ILE A 305 -14.75 6.94 -3.44
CA ILE A 305 -13.78 7.89 -2.89
C ILE A 305 -14.34 9.30 -2.97
N ARG A 306 -13.82 10.17 -2.11
CA ARG A 306 -14.07 11.59 -2.18
C ARG A 306 -12.74 12.32 -2.34
N CYS A 307 -12.54 12.96 -3.48
CA CYS A 307 -11.46 13.93 -3.63
C CYS A 307 -11.88 15.29 -3.11
N ASP A 308 -10.99 15.95 -2.36
CA ASP A 308 -11.22 17.27 -1.78
C ASP A 308 -10.38 18.34 -2.46
N PHE A 309 -11.04 19.29 -3.12
CA PHE A 309 -10.39 20.26 -3.99
C PHE A 309 -10.43 21.67 -3.45
N PHE A 310 -9.44 22.45 -3.87
CA PHE A 310 -9.40 23.89 -3.60
C PHE A 310 -9.46 24.54 -4.97
N VAL A 311 -10.17 25.65 -5.08
CA VAL A 311 -10.11 26.46 -6.29
C VAL A 311 -9.42 27.78 -5.96
N ILE A 312 -8.33 28.05 -6.66
CA ILE A 312 -7.53 29.25 -6.46
C ILE A 312 -7.45 29.96 -7.79
N GLU A 313 -8.19 31.16 -7.78
CA GLU A 313 -8.24 31.92 -9.07
C GLU A 313 -8.74 31.16 -10.29
N ASN A 314 -9.80 30.31 -9.97
CA ASN A 314 -10.38 29.56 -11.09
C ASN A 314 -9.67 28.21 -11.31
N GLU A 315 -8.59 27.99 -10.61
CA GLU A 315 -7.86 26.73 -10.87
C GLU A 315 -8.23 25.61 -9.89
N VAL A 316 -8.32 24.46 -10.29
CA VAL A 316 -8.53 23.31 -9.41
C VAL A 316 -7.19 22.72 -8.91
N TYR A 317 -7.04 22.70 -7.59
CA TYR A 317 -5.94 22.09 -6.87
C TYR A 317 -6.50 20.91 -6.05
N LEU A 318 -5.72 19.85 -5.88
CA LEU A 318 -6.13 18.76 -5.03
C LEU A 318 -5.60 18.98 -3.64
N ASN A 319 -6.51 18.91 -2.66
CA ASN A 319 -6.10 18.85 -1.27
C ASN A 319 -5.81 17.40 -0.84
N GLU A 320 -6.78 16.49 -1.01
CA GLU A 320 -6.53 15.09 -0.73
C GLU A 320 -7.55 14.11 -1.29
N ILE A 321 -7.16 12.84 -1.32
CA ILE A 321 -8.01 11.72 -1.69
C ILE A 321 -8.40 10.99 -0.41
N ASN A 322 -9.71 10.78 -0.22
CA ASN A 322 -10.27 10.03 0.88
C ASN A 322 -11.02 8.82 0.34
N PRO A 323 -10.35 7.65 0.26
CA PRO A 323 -10.92 6.44 -0.33
C PRO A 323 -11.98 5.75 0.53
N ILE A 324 -12.06 6.10 1.81
CA ILE A 324 -13.16 5.66 2.69
C ILE A 324 -13.77 6.89 3.37
N PRO A 325 -14.57 7.67 2.64
CA PRO A 325 -15.10 8.89 3.26
C PRO A 325 -16.06 8.57 4.40
N GLY A 326 -16.28 9.55 5.30
CA GLY A 326 -17.20 9.41 6.42
C GLY A 326 -18.62 9.08 5.96
N SER A 327 -19.18 8.02 6.54
CA SER A 327 -20.48 7.44 6.11
C SER A 327 -20.51 7.13 4.62
N LEU A 328 -19.36 6.75 4.08
CA LEU A 328 -19.15 6.49 2.64
C LEU A 328 -19.77 7.61 1.79
N ALA A 329 -19.82 8.81 2.36
CA ALA A 329 -20.41 9.99 1.72
C ALA A 329 -21.77 9.71 1.08
N ASN A 330 -22.62 8.96 1.77
CA ASN A 330 -23.86 8.43 1.16
C ASN A 330 -24.93 9.51 0.89
N TYR A 331 -24.96 10.50 1.77
CA TYR A 331 -25.83 11.66 1.68
C TYR A 331 -25.50 12.61 0.52
N LEU A 332 -24.47 12.27 -0.25
CA LEU A 332 -24.06 13.07 -1.41
C LEU A 332 -24.54 12.42 -2.70
N PHE A 333 -25.11 11.24 -2.57
CA PHE A 333 -25.56 10.51 -3.75
C PHE A 333 -27.08 10.59 -3.90
N ASP A 334 -27.54 10.50 -5.13
CA ASP A 334 -28.99 10.54 -5.38
C ASP A 334 -29.66 9.28 -4.90
N ASP A 335 -29.28 8.12 -5.47
CA ASP A 335 -29.64 6.85 -4.87
C ASP A 335 -28.39 6.04 -4.56
N PHE A 336 -27.97 6.12 -3.29
CA PHE A 336 -26.77 5.45 -2.81
C PHE A 336 -26.87 3.92 -2.82
N LYS A 337 -28.02 3.40 -2.41
CA LYS A 337 -28.29 1.95 -2.44
C LYS A 337 -28.20 1.40 -3.84
N THR A 338 -28.69 2.14 -4.82
CA THR A 338 -28.57 1.71 -6.21
C THR A 338 -27.12 1.81 -6.68
N THR A 339 -26.45 2.91 -6.35
CA THR A 339 -25.03 3.14 -6.66
C THR A 339 -24.15 2.03 -6.06
N LEU A 340 -24.36 1.74 -4.78
CA LEU A 340 -23.62 0.69 -4.10
C LEU A 340 -23.80 -0.63 -4.81
N GLU A 341 -25.08 -1.01 -4.96
CA GLU A 341 -25.49 -2.28 -5.57
C GLU A 341 -24.85 -2.48 -6.94
N ASN A 342 -24.87 -1.45 -7.75
CA ASN A 342 -24.29 -1.51 -9.10
C ASN A 342 -22.79 -1.67 -9.09
N LEU A 343 -22.13 -1.05 -8.10
CA LEU A 343 -20.69 -1.22 -7.88
C LEU A 343 -20.41 -2.65 -7.45
N ALA A 344 -21.13 -3.10 -6.43
CA ALA A 344 -21.06 -4.49 -5.98
C ALA A 344 -21.16 -5.48 -7.16
N GLN A 345 -22.13 -5.26 -8.04
CA GLN A 345 -22.38 -6.12 -9.21
C GLN A 345 -21.22 -6.21 -10.18
N SER A 346 -20.54 -5.08 -10.36
CA SER A 346 -19.55 -4.94 -11.41
C SER A 346 -18.23 -5.59 -11.04
N LEU A 347 -18.07 -5.96 -9.77
CA LEU A 347 -16.81 -6.48 -9.26
C LEU A 347 -16.52 -7.90 -9.74
N PRO A 348 -15.24 -8.18 -10.08
CA PRO A 348 -14.89 -9.49 -10.62
C PRO A 348 -14.65 -10.50 -9.51
N HIS B 20 22.58 -14.13 21.38
CA HIS B 20 22.21 -14.18 19.94
C HIS B 20 20.72 -14.40 19.74
N MET B 21 20.17 -13.75 18.71
CA MET B 21 18.74 -13.78 18.40
C MET B 21 18.31 -15.11 17.79
N GLU B 22 17.18 -15.64 18.25
CA GLU B 22 16.49 -16.73 17.58
C GLU B 22 15.65 -16.15 16.43
N PHE B 23 15.54 -16.91 15.35
CA PHE B 23 14.84 -16.44 14.16
C PHE B 23 13.74 -17.37 13.73
N CYS B 24 13.01 -16.91 12.73
CA CYS B 24 12.01 -17.68 12.07
C CYS B 24 12.16 -17.29 10.60
N VAL B 25 12.10 -18.26 9.71
CA VAL B 25 12.28 -18.02 8.27
C VAL B 25 10.96 -18.26 7.53
N LEU B 26 10.43 -17.22 6.90
CA LEU B 26 9.18 -17.33 6.12
C LEU B 26 9.47 -17.32 4.62
N PHE B 27 8.90 -18.31 3.92
CA PHE B 27 9.22 -18.55 2.51
C PHE B 27 8.06 -19.25 1.81
N GLY B 28 8.14 -19.33 0.47
CA GLY B 28 7.03 -19.86 -0.34
C GLY B 28 6.25 -18.76 -1.04
N GLY B 29 5.00 -18.55 -0.65
CA GLY B 29 4.15 -17.47 -1.14
C GLY B 29 3.42 -17.72 -2.44
N ALA B 30 2.27 -17.04 -2.61
CA ALA B 30 1.54 -17.00 -3.90
C ALA B 30 2.24 -16.06 -4.89
N SER B 31 3.26 -16.58 -5.57
CA SER B 31 4.22 -15.74 -6.31
C SER B 31 4.83 -16.44 -7.53
N PHE B 32 5.23 -15.64 -8.52
CA PHE B 32 6.01 -16.13 -9.67
C PHE B 32 7.43 -16.50 -9.24
N GLU B 33 7.83 -16.05 -8.06
CA GLU B 33 9.15 -16.34 -7.52
C GLU B 33 9.10 -17.38 -6.37
N HIS B 34 8.00 -18.09 -6.26
CA HIS B 34 7.82 -19.16 -5.28
C HIS B 34 9.01 -20.14 -5.19
N GLU B 35 9.44 -20.69 -6.33
CA GLU B 35 10.48 -21.73 -6.34
C GLU B 35 11.85 -21.27 -5.85
N ILE B 36 12.22 -20.03 -6.20
CA ILE B 36 13.49 -19.42 -5.75
C ILE B 36 13.45 -18.97 -4.28
N SER B 37 12.24 -18.80 -3.73
CA SER B 37 12.08 -18.49 -2.30
C SER B 37 12.57 -19.64 -1.43
N ILE B 38 12.24 -20.86 -1.85
CA ILE B 38 12.69 -22.07 -1.17
C ILE B 38 14.22 -22.17 -1.23
N VAL B 39 14.82 -21.81 -2.36
CA VAL B 39 16.29 -21.74 -2.48
C VAL B 39 16.89 -20.76 -1.47
N SER B 40 16.29 -19.58 -1.35
CA SER B 40 16.76 -18.58 -0.37
C SER B 40 16.72 -19.09 1.06
N ALA B 41 15.58 -19.68 1.45
CA ALA B 41 15.38 -20.22 2.80
C ALA B 41 16.35 -21.38 3.09
N ILE B 42 16.52 -22.25 2.09
CA ILE B 42 17.54 -23.31 2.13
C ILE B 42 18.94 -22.70 2.24
N ALA B 43 19.18 -21.60 1.53
CA ALA B 43 20.48 -20.91 1.62
C ALA B 43 20.71 -20.34 3.01
N LEU B 44 19.70 -19.66 3.53
CA LEU B 44 19.73 -19.09 4.89
C LEU B 44 19.87 -20.14 6.00
N LYS B 45 19.49 -21.39 5.72
CA LYS B 45 19.72 -22.50 6.68
C LYS B 45 21.22 -22.77 6.89
N GLY B 46 21.98 -22.79 5.79
CA GLY B 46 23.42 -22.95 5.86
C GLY B 46 24.12 -21.80 6.57
N VAL B 47 23.50 -20.63 6.59
CA VAL B 47 24.16 -19.42 7.11
C VAL B 47 23.92 -19.20 8.60
N LEU B 48 22.51 -19.49 8.84
CA LEU B 48 21.98 -19.41 10.19
C LEU B 48 22.05 -20.67 11.06
N LYS B 49 22.04 -21.86 10.42
CA LYS B 49 22.13 -23.08 11.22
C LYS B 49 21.12 -23.05 12.40
N ASP B 50 21.59 -23.36 13.56
CA ASP B 50 20.72 -23.50 14.74
C ASP B 50 20.00 -22.20 15.09
N ARG B 51 20.52 -21.04 14.71
CA ARG B 51 19.86 -19.76 15.06
C ARG B 51 18.36 -19.68 14.66
N ILE B 52 17.88 -20.56 13.87
CA ILE B 52 16.52 -20.51 13.35
C ILE B 52 15.66 -21.53 14.07
N LYS B 53 14.80 -21.06 14.96
CA LYS B 53 13.82 -21.91 15.61
C LYS B 53 12.90 -22.52 14.56
N TYR B 54 12.18 -21.69 13.80
CA TYR B 54 11.12 -22.20 12.88
C TYR B 54 11.29 -21.92 11.39
N PHE B 55 10.81 -22.85 10.57
CA PHE B 55 10.73 -22.69 9.13
C PHE B 55 9.27 -22.77 8.72
N ILE B 56 8.73 -21.64 8.29
CA ILE B 56 7.32 -21.51 7.96
C ILE B 56 7.12 -21.38 6.46
N PHE B 57 6.44 -22.37 5.90
CA PHE B 57 6.15 -22.43 4.49
C PHE B 57 4.79 -21.80 4.24
N LEU B 58 4.72 -20.91 3.26
CA LEU B 58 3.47 -20.30 2.83
C LEU B 58 3.19 -20.81 1.43
N ASP B 59 2.14 -21.60 1.24
CA ASP B 59 1.87 -22.09 -0.11
C ASP B 59 0.95 -21.14 -0.90
N GLU B 60 0.77 -21.45 -2.18
CA GLU B 60 -0.05 -20.66 -3.10
C GLU B 60 -1.49 -20.42 -2.62
N ASN B 61 -2.01 -21.34 -1.81
CA ASN B 61 -3.38 -21.21 -1.31
C ASN B 61 -3.44 -20.44 -0.01
N HIS B 62 -2.29 -19.89 0.38
CA HIS B 62 -2.14 -19.03 1.56
C HIS B 62 -2.24 -19.77 2.88
N HIS B 63 -1.78 -21.01 2.90
CA HIS B 63 -1.66 -21.73 4.17
C HIS B 63 -0.23 -21.73 4.65
N PHE B 64 -0.08 -21.57 5.95
CA PHE B 64 1.19 -21.66 6.64
C PHE B 64 1.38 -23.08 7.18
N TYR B 65 2.60 -23.60 7.07
CA TYR B 65 2.98 -24.91 7.58
C TYR B 65 4.30 -24.76 8.30
N LEU B 66 4.48 -25.47 9.41
CA LEU B 66 5.81 -25.58 10.02
C LEU B 66 6.58 -26.72 9.39
N ILE B 67 7.80 -26.43 8.98
CA ILE B 67 8.69 -27.42 8.38
C ILE B 67 9.84 -27.70 9.35
N GLU B 68 10.08 -28.99 9.60
CA GLU B 68 11.21 -29.44 10.41
C GLU B 68 12.51 -29.16 9.68
N GLU B 69 13.50 -28.66 10.42
CA GLU B 69 14.81 -28.28 9.89
C GLU B 69 15.49 -29.37 9.02
N SER B 70 15.20 -30.63 9.34
CA SER B 70 15.70 -31.79 8.59
C SER B 70 15.01 -31.99 7.23
N ASN B 71 13.84 -31.39 7.06
CA ASN B 71 13.04 -31.51 5.83
C ASN B 71 13.25 -30.36 4.84
N MET B 72 14.08 -29.40 5.23
CA MET B 72 14.35 -28.19 4.46
C MET B 72 15.40 -28.38 3.37
N HIS B 73 15.05 -29.18 2.37
CA HIS B 73 15.93 -29.43 1.23
C HIS B 73 15.08 -29.60 -0.03
N SER B 74 15.74 -29.62 -1.19
CA SER B 74 15.04 -29.64 -2.49
C SER B 74 14.18 -30.88 -2.72
N LYS B 75 14.62 -32.02 -2.19
CA LYS B 75 13.90 -33.28 -2.40
C LYS B 75 12.51 -33.29 -1.77
N TYR B 76 12.44 -32.81 -0.53
CA TYR B 76 11.20 -32.75 0.23
C TYR B 76 10.16 -31.86 -0.43
N PHE B 77 10.61 -30.76 -1.04
CA PHE B 77 9.69 -29.76 -1.58
C PHE B 77 9.10 -30.05 -2.96
N ALA B 78 9.81 -30.84 -3.77
CA ALA B 78 9.27 -31.34 -5.03
C ALA B 78 8.03 -32.22 -4.79
N GLN B 79 8.03 -32.93 -3.66
CA GLN B 79 6.93 -33.82 -3.31
C GLN B 79 6.13 -33.24 -2.16
N ILE B 80 6.05 -31.91 -2.07
CA ILE B 80 5.48 -31.25 -0.89
C ILE B 80 3.96 -31.47 -0.69
N LYS B 81 3.25 -31.78 -1.78
CA LYS B 81 1.80 -32.03 -1.72
C LYS B 81 1.41 -33.27 -0.91
N GLU B 82 2.13 -34.36 -1.17
CA GLU B 82 1.71 -35.69 -0.80
C GLU B 82 1.80 -35.80 0.70
N LYS B 83 2.17 -34.70 1.34
CA LYS B 83 2.84 -34.77 2.62
C LYS B 83 1.86 -34.53 3.76
N LYS B 84 0.58 -34.53 3.42
CA LYS B 84 -0.30 -33.41 3.74
C LYS B 84 0.00 -32.81 5.11
N LEU B 85 0.84 -31.78 5.14
CA LEU B 85 0.99 -31.03 6.38
C LEU B 85 -0.30 -30.39 6.94
N PRO B 86 -0.36 -30.19 8.28
CA PRO B 86 -1.45 -29.49 8.96
C PRO B 86 -1.32 -27.96 8.90
N PRO B 87 -2.27 -27.29 8.19
CA PRO B 87 -2.24 -25.86 7.90
C PRO B 87 -2.35 -25.06 9.17
N LEU B 88 -1.52 -24.04 9.32
CA LEU B 88 -1.63 -23.14 10.46
C LEU B 88 -2.35 -21.87 10.02
N ILE B 89 -2.95 -21.18 10.98
CA ILE B 89 -3.57 -19.89 10.71
C ILE B 89 -2.81 -18.82 11.48
N LEU B 90 -2.49 -17.74 10.79
CA LEU B 90 -1.77 -16.63 11.40
C LEU B 90 -2.68 -15.94 12.39
N THR B 91 -2.09 -15.54 13.51
CA THR B 91 -2.84 -14.84 14.53
C THR B 91 -1.86 -13.91 15.24
N HIS B 92 -2.34 -13.26 16.29
CA HIS B 92 -1.50 -12.42 17.11
C HIS B 92 -0.27 -13.16 17.64
N ASN B 93 0.89 -12.53 17.44
CA ASN B 93 2.19 -13.01 17.95
C ASN B 93 2.71 -14.35 17.41
N GLY B 94 1.99 -14.97 16.48
CA GLY B 94 2.37 -16.29 16.00
C GLY B 94 1.38 -17.07 15.19
N LEU B 95 1.48 -18.40 15.26
CA LEU B 95 0.67 -19.32 14.47
C LEU B 95 -0.29 -20.15 15.34
N LEU B 96 -1.32 -20.73 14.73
CA LEU B 96 -2.45 -21.24 15.47
C LEU B 96 -2.97 -22.54 14.87
N LYS B 97 -3.19 -23.53 15.73
CA LYS B 97 -3.85 -24.78 15.30
C LYS B 97 -5.17 -24.99 16.06
N ASN B 98 -6.22 -25.33 15.32
CA ASN B 98 -7.55 -25.55 15.90
C ASN B 98 -7.96 -27.01 16.09
N SER B 99 -8.84 -27.20 17.06
CA SER B 99 -9.61 -28.44 17.29
C SER B 99 -10.77 -28.02 18.20
N PHE B 100 -11.63 -28.98 18.56
CA PHE B 100 -12.73 -28.74 19.51
C PHE B 100 -12.17 -28.23 20.83
N LEU B 101 -10.98 -28.70 21.18
CA LEU B 101 -10.36 -28.40 22.48
C LEU B 101 -9.98 -26.92 22.61
N GLY B 102 -9.85 -26.25 21.47
CA GLY B 102 -9.51 -24.85 21.42
C GLY B 102 -8.37 -24.59 20.45
N ALA B 103 -7.66 -23.50 20.68
CA ALA B 103 -6.55 -23.09 19.82
C ALA B 103 -5.18 -23.28 20.49
N LYS B 104 -4.31 -23.98 19.77
CA LYS B 104 -2.91 -24.11 20.13
C LYS B 104 -2.12 -23.01 19.39
N ILE B 105 -1.48 -22.12 20.16
CA ILE B 105 -0.72 -21.01 19.60
C ILE B 105 0.81 -21.22 19.64
N ILE B 106 1.43 -21.34 18.46
CA ILE B 106 2.89 -21.33 18.34
C ILE B 106 3.38 -19.87 18.28
N GLU B 107 3.98 -19.41 19.38
CA GLU B 107 4.51 -18.04 19.48
C GLU B 107 5.83 -17.96 18.74
N LEU B 108 5.92 -17.12 17.72
CA LEU B 108 7.09 -17.17 16.85
C LEU B 108 8.07 -16.02 17.10
N PRO B 109 9.37 -16.30 16.99
CA PRO B 109 10.35 -15.20 17.15
C PRO B 109 10.44 -14.35 15.88
N LEU B 110 11.22 -13.28 15.96
CA LEU B 110 11.49 -12.41 14.82
C LEU B 110 11.52 -13.20 13.54
N VAL B 111 10.57 -12.94 12.63
CA VAL B 111 10.55 -13.67 11.36
C VAL B 111 11.31 -12.92 10.30
N ILE B 112 11.87 -13.67 9.36
CA ILE B 112 12.60 -13.14 8.24
C ILE B 112 11.73 -13.44 7.03
N ASN B 113 11.17 -12.38 6.46
CA ASN B 113 10.37 -12.51 5.24
C ASN B 113 11.28 -12.82 4.05
N LEU B 114 11.18 -14.04 3.53
CA LEU B 114 11.97 -14.44 2.37
C LEU B 114 11.10 -14.79 1.20
N VAL B 115 9.84 -14.36 1.29
CA VAL B 115 8.90 -14.50 0.19
C VAL B 115 9.17 -13.39 -0.86
N HIS B 116 9.66 -13.78 -2.04
CA HIS B 116 9.89 -12.82 -3.12
C HIS B 116 8.58 -12.59 -3.91
N GLY B 117 8.41 -11.35 -4.40
CA GLY B 117 7.34 -10.99 -5.34
C GLY B 117 5.98 -11.00 -4.68
N GLY B 118 5.01 -11.54 -5.42
CA GLY B 118 3.74 -11.99 -4.88
C GLY B 118 3.33 -11.44 -3.55
N ASP B 119 3.42 -12.24 -2.49
CA ASP B 119 2.87 -11.79 -1.18
C ASP B 119 3.89 -11.05 -0.33
N GLY B 120 5.15 -11.46 -0.42
CA GLY B 120 6.22 -10.92 0.40
C GLY B 120 6.61 -9.50 0.05
N GLU B 121 6.64 -9.19 -1.25
CA GLU B 121 7.11 -7.90 -1.70
C GLU B 121 6.02 -6.88 -2.04
N ASP B 122 4.77 -7.33 -2.22
CA ASP B 122 3.69 -6.42 -2.65
C ASP B 122 3.02 -5.65 -1.51
N GLY B 123 3.38 -5.98 -0.27
CA GLY B 123 2.87 -5.30 0.91
C GLY B 123 1.87 -6.13 1.71
N LYS B 124 1.36 -7.21 1.13
CA LYS B 124 0.37 -8.06 1.82
C LYS B 124 0.92 -8.65 3.12
N LEU B 125 2.14 -9.23 3.07
CA LEU B 125 2.77 -9.82 4.27
C LEU B 125 3.26 -8.83 5.30
N ALA B 126 3.90 -7.75 4.84
CA ALA B 126 4.22 -6.63 5.73
C ALA B 126 2.97 -6.18 6.49
N SER B 127 1.85 -6.02 5.80
CA SER B 127 0.58 -5.61 6.44
C SER B 127 0.11 -6.63 7.46
N LEU B 128 0.15 -7.89 7.06
CA LEU B 128 -0.39 -9.03 7.81
C LEU B 128 0.44 -9.35 9.07
N LEU B 129 1.76 -9.34 8.93
CA LEU B 129 2.67 -9.46 10.06
C LEU B 129 2.54 -8.26 10.98
N GLU B 130 2.51 -7.07 10.42
CA GLU B 130 2.31 -5.87 11.23
C GLU B 130 0.95 -5.85 11.94
N PHE B 131 -0.12 -6.26 11.25
CA PHE B 131 -1.46 -6.40 11.85
C PHE B 131 -1.47 -7.23 13.14
N TYR B 132 -0.86 -8.41 13.08
CA TYR B 132 -0.78 -9.33 14.21
C TYR B 132 0.41 -9.13 15.16
N ARG B 133 1.06 -7.96 15.06
CA ARG B 133 2.16 -7.58 15.93
C ARG B 133 3.31 -8.61 16.01
N ILE B 134 3.58 -9.24 14.87
CA ILE B 134 4.69 -10.15 14.69
C ILE B 134 5.85 -9.32 14.17
N ALA B 135 6.98 -9.33 14.89
CA ALA B 135 8.18 -8.58 14.50
C ALA B 135 8.88 -9.30 13.36
N PHE B 136 9.50 -8.53 12.47
CA PHE B 136 10.07 -9.15 11.27
C PHE B 136 11.21 -8.34 10.65
N ILE B 137 11.94 -8.99 9.77
CA ILE B 137 12.92 -8.32 8.98
C ILE B 137 12.40 -8.36 7.56
N GLY B 138 12.27 -7.17 6.97
CA GLY B 138 11.72 -7.05 5.64
C GLY B 138 11.11 -5.68 5.44
N PRO B 139 10.70 -5.38 4.20
CA PRO B 139 10.18 -4.04 3.91
C PRO B 139 8.79 -3.95 4.51
N ARG B 140 8.48 -2.81 5.14
CA ARG B 140 7.14 -2.53 5.61
C ARG B 140 6.18 -2.23 4.44
N ILE B 141 4.98 -1.72 4.73
CA ILE B 141 3.94 -1.52 3.70
C ILE B 141 4.34 -0.50 2.64
N GLU B 142 4.77 0.70 3.05
CA GLU B 142 5.11 1.74 2.09
C GLU B 142 6.31 1.34 1.24
N ALA B 143 7.36 0.86 1.91
CA ALA B 143 8.55 0.37 1.24
C ALA B 143 8.21 -0.73 0.23
N SER B 144 7.35 -1.67 0.61
CA SER B 144 6.94 -2.73 -0.33
C SER B 144 6.21 -2.19 -1.54
N VAL B 145 5.22 -1.32 -1.32
CA VAL B 145 4.38 -0.79 -2.42
C VAL B 145 5.20 -0.04 -3.46
N LEU B 146 6.06 0.87 -2.98
CA LEU B 146 6.91 1.72 -3.80
C LEU B 146 8.02 0.97 -4.52
N SER B 147 8.51 -0.11 -3.91
CA SER B 147 9.60 -0.88 -4.57
C SER B 147 9.02 -1.96 -5.48
N TYR B 148 7.84 -2.45 -5.15
CA TYR B 148 7.16 -3.41 -5.97
C TYR B 148 6.73 -2.84 -7.33
N ASN B 149 6.14 -1.64 -7.32
CA ASN B 149 5.64 -1.03 -8.54
C ASN B 149 6.75 -0.13 -9.08
N LYS B 150 7.28 -0.49 -10.24
CA LYS B 150 8.41 0.19 -10.84
C LYS B 150 8.06 1.58 -11.25
N TYR B 151 6.79 1.79 -11.62
CA TYR B 151 6.32 3.11 -11.97
C TYR B 151 6.44 4.01 -10.74
N LEU B 152 6.07 3.50 -9.57
CA LEU B 152 6.16 4.23 -8.31
C LEU B 152 7.63 4.43 -7.86
N THR B 153 8.47 3.43 -8.12
CA THR B 153 9.90 3.55 -7.90
C THR B 153 10.48 4.74 -8.65
N LYS B 154 10.14 4.84 -9.94
CA LYS B 154 10.50 6.01 -10.76
C LYS B 154 10.11 7.39 -10.21
N LEU B 155 8.92 7.49 -9.61
CA LEU B 155 8.43 8.72 -8.97
C LEU B 155 9.12 9.00 -7.65
N TYR B 156 9.38 7.93 -6.90
CA TYR B 156 10.15 8.00 -5.66
C TYR B 156 11.58 8.47 -5.96
N ALA B 157 12.28 7.73 -6.81
CA ALA B 157 13.62 8.15 -7.30
C ALA B 157 13.64 9.61 -7.79
N LYS B 158 12.81 9.92 -8.78
CA LYS B 158 12.67 11.27 -9.31
C LYS B 158 12.60 12.31 -8.23
N ASP B 159 11.73 12.08 -7.23
CA ASP B 159 11.60 13.05 -6.13
C ASP B 159 12.88 13.19 -5.29
N LEU B 160 13.65 12.11 -5.21
CA LEU B 160 14.91 12.10 -4.46
C LEU B 160 16.11 12.61 -5.29
N GLY B 161 15.85 13.05 -6.52
CA GLY B 161 16.89 13.56 -7.41
C GLY B 161 17.82 12.49 -7.93
N ILE B 162 17.39 11.22 -7.82
CA ILE B 162 18.14 10.07 -8.35
C ILE B 162 17.63 9.75 -9.74
N LYS B 163 18.56 9.64 -10.69
CA LYS B 163 18.23 9.44 -12.09
C LYS B 163 17.72 8.04 -12.34
N THR B 164 16.81 7.93 -13.32
CA THR B 164 16.37 6.64 -13.83
C THR B 164 16.19 6.74 -15.35
N LEU B 165 16.03 5.60 -16.02
CA LEU B 165 15.84 5.56 -17.46
C LEU B 165 14.45 6.06 -17.83
N ASP B 166 14.36 6.90 -18.88
CA ASP B 166 13.08 7.38 -19.39
C ASP B 166 12.23 6.15 -19.78
N TYR B 167 10.91 6.27 -19.72
CA TYR B 167 10.04 5.09 -19.83
C TYR B 167 8.69 5.46 -20.40
N VAL B 168 7.99 4.46 -20.90
CA VAL B 168 6.57 4.60 -21.17
C VAL B 168 5.80 3.53 -20.37
N LEU B 169 4.80 3.98 -19.61
CA LEU B 169 3.94 3.08 -18.85
C LEU B 169 2.69 2.77 -19.69
N LEU B 170 2.57 1.51 -20.12
CA LEU B 170 1.43 1.04 -20.91
C LEU B 170 0.50 0.10 -20.14
N ASN B 171 -0.79 0.12 -20.52
CA ASN B 171 -1.77 -0.90 -20.09
C ASN B 171 -2.55 -1.42 -21.30
N GLU B 172 -3.39 -2.44 -21.07
CA GLU B 172 -4.17 -3.10 -22.13
C GLU B 172 -5.08 -2.14 -22.87
N LYS B 173 -5.59 -1.13 -22.16
CA LYS B 173 -6.37 -0.07 -22.77
C LYS B 173 -5.53 0.74 -23.79
N ASN B 174 -4.69 1.66 -23.30
CA ASN B 174 -3.91 2.57 -24.16
C ASN B 174 -2.87 1.93 -25.12
N ARG B 175 -2.64 0.64 -24.95
CA ARG B 175 -1.78 -0.17 -25.83
C ARG B 175 -1.68 0.34 -27.28
N ALA B 176 -2.76 0.20 -28.04
CA ALA B 176 -2.76 0.54 -29.46
C ALA B 176 -2.62 2.03 -29.75
N ASN B 177 -3.22 2.87 -28.91
CA ASN B 177 -3.21 4.31 -29.11
C ASN B 177 -1.80 4.87 -29.04
N ALA B 178 -1.04 4.42 -28.05
CA ALA B 178 0.26 5.01 -27.71
C ALA B 178 1.38 4.55 -28.66
N LEU B 179 1.13 3.44 -29.35
CA LEU B 179 2.13 2.84 -30.24
C LEU B 179 1.78 2.99 -31.71
N ASP B 180 0.63 3.59 -32.00
CA ASP B 180 0.20 3.84 -33.38
C ASP B 180 0.82 5.14 -33.87
N LEU B 181 0.92 5.27 -35.19
CA LEU B 181 1.51 6.46 -35.85
C LEU B 181 2.95 6.67 -35.37
N MET B 182 3.57 5.57 -34.92
CA MET B 182 4.85 5.62 -34.25
C MET B 182 5.94 5.01 -35.10
N ASN B 183 7.06 5.73 -35.22
CA ASN B 183 8.25 5.22 -35.87
C ASN B 183 9.31 4.98 -34.78
N PHE B 184 9.49 3.70 -34.41
CA PHE B 184 10.25 3.30 -33.23
C PHE B 184 11.75 3.51 -33.31
N ASN B 185 12.34 3.87 -32.18
CA ASN B 185 13.78 3.99 -32.05
C ASN B 185 14.33 2.79 -31.26
N PHE B 186 14.72 1.77 -32.00
CA PHE B 186 15.24 0.52 -31.47
C PHE B 186 16.72 0.60 -31.06
N PRO B 187 17.17 -0.31 -30.15
CA PRO B 187 16.35 -1.27 -29.42
C PRO B 187 15.73 -0.67 -28.16
N PHE B 188 14.79 -1.39 -27.57
CA PHE B 188 14.30 -1.06 -26.23
C PHE B 188 13.92 -2.32 -25.44
N ILE B 189 13.70 -2.15 -24.14
CA ILE B 189 13.43 -3.27 -23.25
C ILE B 189 12.01 -3.19 -22.69
N VAL B 190 11.28 -4.31 -22.77
CA VAL B 190 9.90 -4.41 -22.32
C VAL B 190 9.82 -5.27 -21.05
N LYS B 191 9.23 -4.73 -19.97
CA LYS B 191 9.10 -5.47 -18.72
C LYS B 191 7.82 -5.14 -17.94
N PRO B 192 7.28 -6.13 -17.19
CA PRO B 192 6.08 -5.85 -16.37
C PRO B 192 6.39 -4.77 -15.34
N SER B 193 5.37 -4.05 -14.93
CA SER B 193 5.54 -2.95 -13.99
C SER B 193 5.95 -3.43 -12.59
N ASN B 194 5.75 -4.72 -12.33
CA ASN B 194 6.03 -5.28 -11.00
C ASN B 194 6.24 -6.80 -10.95
N ALA B 195 7.49 -7.21 -11.12
CA ALA B 195 7.92 -8.61 -11.04
C ALA B 195 9.45 -8.68 -10.94
N GLY B 196 9.96 -9.88 -10.63
CA GLY B 196 11.40 -10.10 -10.51
C GLY B 196 11.90 -11.20 -11.42
N SER B 197 13.10 -11.59 -11.23
CA SER B 197 13.85 -12.63 -11.94
C SER B 197 13.76 -12.47 -13.45
N SER B 198 13.33 -11.29 -13.91
CA SER B 198 13.18 -11.11 -15.38
C SER B 198 12.13 -12.06 -15.92
N LEU B 199 11.03 -12.31 -15.22
CA LEU B 199 10.07 -13.32 -15.67
C LEU B 199 9.33 -12.97 -16.97
N GLY B 200 9.11 -11.69 -17.23
CA GLY B 200 8.46 -11.27 -18.47
C GLY B 200 9.20 -10.20 -19.26
N VAL B 201 10.53 -10.26 -19.20
CA VAL B 201 11.40 -9.21 -19.73
C VAL B 201 12.08 -9.61 -21.06
N ASN B 202 11.73 -8.89 -22.14
CA ASN B 202 12.27 -9.16 -23.48
C ASN B 202 12.85 -7.88 -24.11
N VAL B 203 13.97 -8.01 -24.82
CA VAL B 203 14.49 -6.90 -25.65
C VAL B 203 13.85 -6.91 -27.05
N VAL B 204 13.47 -5.73 -27.53
CA VAL B 204 12.86 -5.57 -28.86
C VAL B 204 13.86 -4.84 -29.76
N LYS B 205 14.26 -5.48 -30.87
CA LYS B 205 15.14 -4.84 -31.86
C LYS B 205 14.43 -4.47 -33.18
N GLU B 206 13.26 -5.06 -33.41
CA GLU B 206 12.47 -4.83 -34.65
C GLU B 206 10.96 -4.90 -34.38
N GLU B 207 10.17 -4.28 -35.26
CA GLU B 207 8.72 -4.10 -35.02
C GLU B 207 7.88 -5.39 -34.88
N LYS B 208 8.31 -6.47 -35.54
CA LYS B 208 7.60 -7.76 -35.43
C LYS B 208 7.88 -8.43 -34.09
N GLU B 209 9.01 -8.06 -33.49
CA GLU B 209 9.46 -8.54 -32.19
C GLU B 209 8.64 -7.93 -31.04
N LEU B 210 7.84 -6.92 -31.37
CA LEU B 210 7.10 -6.13 -30.38
C LEU B 210 5.87 -6.82 -29.79
N ILE B 211 5.00 -7.35 -30.64
CA ILE B 211 3.78 -8.03 -30.20
C ILE B 211 4.05 -9.05 -29.09
N TYR B 212 5.02 -9.93 -29.34
CA TYR B 212 5.36 -11.00 -28.42
C TYR B 212 5.95 -10.47 -27.10
N ALA B 213 6.75 -9.41 -27.20
CA ALA B 213 7.34 -8.79 -26.01
C ALA B 213 6.28 -8.19 -25.11
N LEU B 214 5.29 -7.54 -25.72
CA LEU B 214 4.20 -6.89 -24.99
C LEU B 214 3.24 -7.91 -24.43
N ASP B 215 2.91 -8.94 -25.22
CA ASP B 215 2.00 -10.01 -24.76
C ASP B 215 2.59 -10.80 -23.59
N SER B 216 3.89 -11.07 -23.67
CA SER B 216 4.61 -11.79 -22.60
C SER B 216 4.71 -11.00 -21.29
N ALA B 217 4.82 -9.68 -21.39
CA ALA B 217 4.93 -8.83 -20.21
C ALA B 217 3.58 -8.58 -19.55
N PHE B 218 2.52 -8.57 -20.35
CA PHE B 218 1.15 -8.45 -19.85
C PHE B 218 0.63 -9.73 -19.17
N GLU B 219 1.33 -10.85 -19.35
CA GLU B 219 1.02 -12.08 -18.61
C GLU B 219 1.44 -12.04 -17.16
N TYR B 220 2.26 -11.05 -16.81
CA TYR B 220 2.76 -10.90 -15.45
C TYR B 220 2.14 -9.72 -14.68
N SER B 221 1.58 -8.76 -15.40
CA SER B 221 1.11 -7.50 -14.79
C SER B 221 0.10 -6.81 -15.70
N LYS B 222 -0.83 -6.06 -15.09
CA LYS B 222 -1.79 -5.25 -15.83
C LYS B 222 -1.07 -4.19 -16.63
N GLU B 223 0.05 -3.73 -16.10
CA GLU B 223 0.85 -2.68 -16.73
C GLU B 223 2.22 -3.12 -17.13
N VAL B 224 2.66 -2.57 -18.26
CA VAL B 224 3.98 -2.82 -18.80
C VAL B 224 4.80 -1.51 -18.90
N LEU B 225 6.10 -1.67 -18.69
CA LEU B 225 7.06 -0.60 -18.81
C LEU B 225 7.93 -0.83 -20.05
N ILE B 226 8.02 0.21 -20.89
CA ILE B 226 8.97 0.25 -21.98
C ILE B 226 10.07 1.24 -21.63
N GLU B 227 11.30 0.75 -21.64
CA GLU B 227 12.47 1.60 -21.40
C GLU B 227 13.47 1.44 -22.55
N PRO B 228 14.49 2.32 -22.63
CA PRO B 228 15.50 2.13 -23.68
C PRO B 228 16.46 0.97 -23.36
N PHE B 229 16.98 0.34 -24.41
CA PHE B 229 18.00 -0.70 -24.22
C PHE B 229 19.39 -0.14 -24.48
N ILE B 230 20.30 -0.34 -23.55
CA ILE B 230 21.71 -0.03 -23.82
C ILE B 230 22.56 -1.21 -23.39
N GLN B 231 23.06 -1.98 -24.35
CA GLN B 231 23.73 -3.23 -24.02
C GLN B 231 25.19 -3.04 -23.61
N GLY B 232 25.66 -3.93 -22.72
CA GLY B 232 27.02 -3.84 -22.19
C GLY B 232 27.26 -2.51 -21.51
N VAL B 233 26.21 -1.99 -20.86
CA VAL B 233 26.33 -0.84 -19.99
C VAL B 233 26.76 -1.38 -18.62
N LYS B 234 27.35 -0.53 -17.78
CA LYS B 234 27.80 -0.95 -16.46
C LYS B 234 26.62 -1.18 -15.49
N GLU B 235 26.50 -2.40 -14.96
CA GLU B 235 25.54 -2.72 -13.89
C GLU B 235 26.23 -2.88 -12.54
N TYR B 236 25.75 -2.17 -11.52
CA TYR B 236 26.27 -2.33 -10.16
C TYR B 236 25.17 -2.49 -9.11
N ASN B 237 25.27 -3.54 -8.30
CA ASN B 237 24.32 -3.83 -7.23
C ASN B 237 24.95 -3.65 -5.87
N LEU B 238 24.25 -2.94 -4.99
CA LEU B 238 24.68 -2.67 -3.64
C LEU B 238 23.58 -3.14 -2.68
N ALA B 239 23.92 -4.10 -1.80
CA ALA B 239 23.02 -4.48 -0.71
C ALA B 239 23.39 -3.75 0.58
N GLY B 240 22.48 -3.72 1.54
CA GLY B 240 22.71 -2.96 2.77
C GLY B 240 21.49 -2.82 3.66
N CYS B 241 21.71 -2.41 4.91
CA CYS B 241 20.64 -2.13 5.87
C CYS B 241 21.09 -1.04 6.84
N LYS B 242 20.12 -0.43 7.52
CA LYS B 242 20.42 0.57 8.53
C LYS B 242 20.31 -0.08 9.90
N ILE B 243 21.29 0.07 10.71
CA ILE B 243 21.26 -0.38 12.10
C ILE B 243 21.54 0.80 13.02
N LYS B 244 20.57 1.15 13.77
CA LYS B 244 20.81 2.36 14.66
C LYS B 244 20.88 3.52 13.62
N LYS B 245 21.79 4.46 13.86
CA LYS B 245 21.95 5.59 12.96
C LYS B 245 22.93 5.31 11.82
N ASP B 246 23.70 4.19 11.64
CA ASP B 246 24.61 4.00 10.51
C ASP B 246 24.19 2.91 9.53
N PHE B 247 24.84 2.88 8.37
CA PHE B 247 24.56 1.89 7.36
C PHE B 247 25.62 0.83 7.31
N CYS B 248 25.19 -0.35 6.89
CA CYS B 248 26.01 -1.51 6.83
C CYS B 248 25.88 -2.09 5.44
N PHE B 249 26.88 -1.81 4.59
CA PHE B 249 26.83 -2.15 3.18
C PHE B 249 27.48 -3.49 2.87
N SER B 250 27.12 -4.06 1.72
CA SER B 250 27.74 -5.25 1.21
C SER B 250 28.83 -4.84 0.22
N TYR B 251 29.48 -5.82 -0.40
CA TYR B 251 30.33 -5.52 -1.55
C TYR B 251 29.44 -5.26 -2.76
N ILE B 252 29.95 -4.48 -3.70
CA ILE B 252 29.26 -4.22 -4.95
C ILE B 252 29.33 -5.47 -5.82
N GLU B 253 28.20 -5.80 -6.43
CA GLU B 253 28.10 -6.91 -7.34
C GLU B 253 28.15 -6.33 -8.76
N GLU B 254 28.87 -7.00 -9.68
CA GLU B 254 28.74 -6.73 -11.12
C GLU B 254 28.01 -7.95 -11.71
N PRO B 255 26.66 -7.91 -11.68
CA PRO B 255 25.79 -9.09 -11.83
C PRO B 255 26.02 -9.94 -13.06
N ASN B 256 26.28 -9.31 -14.20
CA ASN B 256 26.37 -10.08 -15.44
C ASN B 256 27.79 -10.54 -15.81
N LYS B 257 28.80 -9.80 -15.36
CA LYS B 257 30.23 -10.17 -15.53
C LYS B 257 30.54 -11.58 -15.00
N GLN B 258 31.23 -12.37 -15.81
CA GLN B 258 31.61 -13.76 -15.47
C GLN B 258 30.41 -14.70 -15.37
N PRO B 276 33.52 -13.21 -5.37
CA PRO B 276 34.32 -12.29 -6.18
C PRO B 276 34.04 -10.82 -5.85
N LYS B 277 34.94 -9.93 -6.29
CA LYS B 277 34.80 -8.49 -6.00
C LYS B 277 34.78 -7.62 -7.27
N ALA B 278 34.03 -6.51 -7.22
CA ALA B 278 33.83 -5.63 -8.36
C ALA B 278 34.86 -4.51 -8.42
N SER B 279 35.27 -4.13 -9.62
CA SER B 279 36.25 -3.05 -9.81
C SER B 279 35.62 -1.69 -10.10
N LEU B 280 35.82 -0.78 -9.15
CA LEU B 280 35.14 0.50 -9.11
C LEU B 280 36.05 1.55 -8.52
N SER B 281 35.91 2.78 -8.98
CA SER B 281 36.53 3.91 -8.29
C SER B 281 36.05 3.92 -6.86
N ASN B 282 36.86 4.46 -5.95
CA ASN B 282 36.41 4.80 -4.62
C ASN B 282 35.22 5.79 -4.69
N ALA B 283 35.24 6.63 -5.73
CA ALA B 283 34.29 7.72 -5.86
C ALA B 283 32.96 7.26 -6.45
N LEU B 284 33.02 6.29 -7.37
CA LEU B 284 31.82 5.68 -7.89
C LEU B 284 31.15 4.87 -6.79
N GLU B 285 31.91 3.98 -6.16
CA GLU B 285 31.46 3.23 -4.99
C GLU B 285 30.73 4.15 -4.02
N GLU B 286 31.25 5.37 -3.87
CA GLU B 286 30.71 6.34 -2.93
C GLU B 286 29.43 7.01 -3.45
N GLN B 287 29.27 7.07 -4.77
CA GLN B 287 28.08 7.66 -5.38
C GLN B 287 26.93 6.68 -5.14
N LEU B 288 27.17 5.41 -5.47
CA LEU B 288 26.26 4.29 -5.22
C LEU B 288 25.79 4.22 -3.76
N LYS B 289 26.72 4.36 -2.81
CA LYS B 289 26.35 4.31 -1.40
C LYS B 289 25.49 5.49 -0.99
N GLU B 290 25.77 6.65 -1.56
CA GLU B 290 24.98 7.87 -1.31
C GLU B 290 23.55 7.69 -1.82
N ASN B 291 23.42 7.25 -3.08
CA ASN B 291 22.14 6.88 -3.68
C ASN B 291 21.36 5.84 -2.87
N PHE B 292 22.00 4.71 -2.59
CA PHE B 292 21.43 3.73 -1.70
C PHE B 292 20.78 4.35 -0.47
N LYS B 293 21.53 5.21 0.22
CA LYS B 293 21.11 5.81 1.48
C LYS B 293 19.92 6.74 1.38
N LYS B 294 19.84 7.51 0.28
CA LYS B 294 18.71 8.39 0.04
C LYS B 294 17.46 7.54 -0.18
N LEU B 295 17.62 6.52 -1.02
CA LEU B 295 16.59 5.57 -1.36
C LEU B 295 16.01 4.87 -0.11
N TYR B 296 16.90 4.39 0.74
CA TYR B 296 16.56 3.65 1.95
C TYR B 296 15.80 4.52 2.94
N SER B 297 16.15 5.80 2.97
CA SER B 297 15.60 6.80 3.91
C SER B 297 15.21 6.17 5.25
N ASP B 298 13.99 6.43 5.70
CA ASP B 298 13.42 5.70 6.85
C ASP B 298 12.43 4.63 6.38
N LEU B 299 12.07 4.70 5.09
CA LEU B 299 11.10 3.77 4.48
C LEU B 299 11.48 2.33 4.67
N PHE B 300 12.73 2.00 4.37
CA PHE B 300 13.16 0.61 4.34
C PHE B 300 13.75 0.10 5.66
N ASP B 301 13.62 0.90 6.72
CA ASP B 301 13.92 0.43 8.06
C ASP B 301 13.45 -0.98 8.33
N GLY B 302 14.31 -1.77 8.95
CA GLY B 302 13.97 -3.16 9.29
C GLY B 302 14.19 -4.12 8.15
N ALA B 303 14.66 -3.62 7.00
CA ALA B 303 14.92 -4.45 5.82
C ALA B 303 16.37 -4.47 5.30
N ILE B 304 16.75 -5.60 4.71
CA ILE B 304 18.00 -5.74 3.97
C ILE B 304 17.75 -5.71 2.47
N ILE B 305 18.03 -4.55 1.88
CA ILE B 305 17.63 -4.29 0.52
C ILE B 305 18.83 -4.24 -0.42
N ARG B 306 18.62 -4.62 -1.68
CA ARG B 306 19.63 -4.41 -2.69
C ARG B 306 19.09 -3.45 -3.75
N CYS B 307 19.75 -2.31 -3.93
CA CYS B 307 19.48 -1.43 -5.05
C CYS B 307 20.40 -1.74 -6.23
N ASP B 308 19.79 -1.92 -7.40
CA ASP B 308 20.51 -2.18 -8.65
C ASP B 308 20.65 -0.89 -9.46
N PHE B 309 21.88 -0.57 -9.85
CA PHE B 309 22.18 0.67 -10.55
C PHE B 309 22.72 0.41 -11.95
N PHE B 310 22.51 1.37 -12.85
CA PHE B 310 23.21 1.44 -14.13
C PHE B 310 24.20 2.60 -14.11
N VAL B 311 25.27 2.46 -14.87
CA VAL B 311 26.21 3.56 -15.03
C VAL B 311 26.35 3.80 -16.52
N ILE B 312 25.79 4.92 -16.96
CA ILE B 312 25.79 5.31 -18.37
C ILE B 312 26.49 6.67 -18.50
N GLU B 313 27.51 6.71 -19.35
CA GLU B 313 28.39 7.88 -19.49
C GLU B 313 28.75 8.38 -18.10
N ASN B 314 29.12 7.40 -17.28
CA ASN B 314 29.37 7.51 -15.84
C ASN B 314 28.42 8.33 -14.94
N GLU B 315 27.13 8.37 -15.30
CA GLU B 315 26.06 8.83 -14.42
C GLU B 315 25.39 7.60 -13.82
N VAL B 316 25.04 7.68 -12.53
CA VAL B 316 24.35 6.61 -11.84
C VAL B 316 22.83 6.70 -12.10
N TYR B 317 22.26 5.61 -12.60
CA TYR B 317 20.80 5.45 -12.77
C TYR B 317 20.29 4.34 -11.85
N LEU B 318 19.20 4.59 -11.13
CA LEU B 318 18.52 3.53 -10.40
C LEU B 318 17.74 2.64 -11.36
N ASN B 319 18.10 1.36 -11.40
CA ASN B 319 17.29 0.38 -12.12
C ASN B 319 16.13 -0.10 -11.27
N GLU B 320 16.46 -0.65 -10.11
CA GLU B 320 15.41 -1.10 -9.20
C GLU B 320 15.83 -1.38 -7.78
N ILE B 321 14.80 -1.56 -6.95
CA ILE B 321 14.99 -1.88 -5.56
C ILE B 321 14.42 -3.27 -5.29
N ASN B 322 15.29 -4.15 -4.80
CA ASN B 322 14.88 -5.46 -4.34
C ASN B 322 14.98 -5.47 -2.81
N PRO B 323 13.82 -5.26 -2.12
CA PRO B 323 13.80 -5.22 -0.66
C PRO B 323 13.88 -6.61 -0.05
N ILE B 324 13.79 -7.64 -0.88
CA ILE B 324 14.00 -9.01 -0.41
C ILE B 324 14.82 -9.74 -1.47
N PRO B 325 16.13 -9.43 -1.57
CA PRO B 325 16.97 -10.06 -2.61
C PRO B 325 17.18 -11.55 -2.35
N GLY B 326 17.48 -12.28 -3.43
CA GLY B 326 17.73 -13.71 -3.32
C GLY B 326 18.73 -14.01 -2.22
N SER B 327 18.28 -14.79 -1.23
CA SER B 327 19.11 -15.26 -0.11
C SER B 327 19.64 -14.07 0.73
N LEU B 328 18.85 -12.99 0.70
CA LEU B 328 19.15 -11.70 1.37
C LEU B 328 20.50 -11.15 0.97
N ALA B 329 20.89 -11.42 -0.28
CA ALA B 329 22.22 -11.11 -0.81
C ALA B 329 23.34 -11.43 0.20
N ASN B 330 23.23 -12.57 0.87
CA ASN B 330 24.13 -12.84 2.01
C ASN B 330 25.59 -12.92 1.57
N TYR B 331 25.78 -13.53 0.39
CA TYR B 331 27.08 -13.81 -0.24
C TYR B 331 27.83 -12.57 -0.70
N LEU B 332 27.23 -11.40 -0.46
CA LEU B 332 27.80 -10.12 -0.83
C LEU B 332 28.27 -9.39 0.42
N PHE B 333 27.85 -9.89 1.57
CA PHE B 333 28.31 -9.32 2.84
C PHE B 333 29.58 -10.00 3.37
N ASP B 334 30.44 -9.21 4.00
CA ASP B 334 31.67 -9.72 4.60
C ASP B 334 31.32 -10.70 5.73
N ASP B 335 30.33 -10.32 6.53
CA ASP B 335 29.95 -11.06 7.73
C ASP B 335 28.43 -10.99 7.85
N PHE B 336 27.73 -11.70 6.98
CA PHE B 336 26.27 -11.59 6.91
C PHE B 336 25.62 -11.93 8.25
N LYS B 337 25.97 -13.10 8.78
CA LYS B 337 25.47 -13.58 10.07
C LYS B 337 25.52 -12.52 11.17
N THR B 338 26.57 -11.71 11.20
CA THR B 338 26.75 -10.68 12.22
C THR B 338 25.95 -9.43 11.90
N THR B 339 25.88 -9.10 10.61
CA THR B 339 25.05 -8.00 10.11
C THR B 339 23.58 -8.25 10.48
N LEU B 340 23.10 -9.46 10.18
CA LEU B 340 21.74 -9.89 10.49
C LEU B 340 21.46 -9.70 11.97
N GLU B 341 22.34 -10.30 12.79
CA GLU B 341 22.19 -10.28 14.25
C GLU B 341 22.18 -8.85 14.76
N ASN B 342 23.08 -8.01 14.24
CA ASN B 342 23.09 -6.58 14.57
C ASN B 342 21.79 -5.84 14.21
N LEU B 343 21.24 -6.13 13.03
CA LEU B 343 19.97 -5.54 12.62
C LEU B 343 18.83 -6.02 13.52
N ALA B 344 18.64 -7.34 13.60
CA ALA B 344 17.64 -7.94 14.46
C ALA B 344 17.58 -7.28 15.82
N GLN B 345 18.75 -7.08 16.41
CA GLN B 345 18.89 -6.57 17.77
C GLN B 345 18.53 -5.10 17.90
N SER B 346 18.72 -4.33 16.83
CA SER B 346 18.43 -2.89 16.84
C SER B 346 16.94 -2.56 16.61
N LEU B 347 16.17 -3.59 16.28
CA LEU B 347 14.73 -3.45 16.12
C LEU B 347 14.06 -3.13 17.44
N PRO B 348 13.23 -2.09 17.44
CA PRO B 348 12.36 -1.81 18.57
C PRO B 348 11.24 -2.82 18.64
N LYS B 349 11.56 -4.08 18.91
CA LYS B 349 10.56 -5.13 18.95
C LYS B 349 9.85 -5.20 20.31
N THR B 350 8.58 -5.54 20.27
CA THR B 350 7.71 -5.38 21.43
C THR B 350 6.36 -6.07 21.24
N PRO B 351 6.30 -7.35 21.62
CA PRO B 351 5.09 -8.17 21.51
C PRO B 351 4.15 -8.03 22.73
#